data_7QG2
#
_entry.id   7QG2
#
_cell.length_a   141.39
_cell.length_b   139.72
_cell.length_c   87.27
_cell.angle_alpha   90
_cell.angle_beta   123.62
_cell.angle_gamma   90
#
_symmetry.space_group_name_H-M   'C 1 2 1'
#
loop_
_entity.id
_entity.type
_entity.pdbx_description
1 polymer 'Interleukin-1 receptor-associated kinase 4'
2 non-polymer 6-methyl-4-[(1-methylcyclopropyl)amino]-2-[[1-(1-methylpiperidin-4-yl)pyrazol-4-yl]amino]pyrido[4,3-d]pyrimidin-5-one
3 water water
#
_entity_poly.entity_id   1
_entity_poly.type   'polypeptide(L)'
_entity_poly.pdbx_seq_one_letter_code
;GENKSLEVSDTRFHSFSFYELKNVTNNFDERPISVGGNKMGEGGFGVVYKGYVNNTTVAVKKLAAMVDITTEELKQQFDQ
EIKVMAKCQHENLVELLGFSSDGDDLCLVYVYMPNGSLLDRLSCLDGTPPLSWHMRCKIAQGAANGINFLHENHHIHRDI
KSANILLDEAFTAKISDFGLARASEKFAQTVM(TPO)(SEP)RIVGTTAYMAPEALRGEITPKSDIYSFGVVLLEIITGL
PAVDEHREPQLLLDIKEEIEDEEKTIEDYIDKKMNDADSTSVEAMYSVASQCLHEKKNKRPDIKKVQQLLQEMTAS
;
_entity_poly.pdbx_strand_id   A,B,C,D
#
loop_
_chem_comp.id
_chem_comp.type
_chem_comp.name
_chem_comp.formula
B6I non-polymer 6-methyl-4-[(1-methylcyclopropyl)amino]-2-[[1-(1-methylpiperidin-4-yl)pyrazol-4-yl]amino]pyrido[4,3-d]pyrimidin-5-one 'C21 H28 N8 O'
#
# COMPACT_ATOMS: atom_id res chain seq x y z
N ARG A 12 42.21 19.99 7.07
CA ARG A 12 42.91 18.70 7.13
C ARG A 12 41.93 17.53 7.20
N PHE A 13 41.76 16.78 6.11
CA PHE A 13 40.84 15.63 6.07
C PHE A 13 41.53 14.29 6.42
N HIS A 14 40.74 13.19 6.55
CA HIS A 14 41.35 11.89 6.86
C HIS A 14 41.98 11.27 5.62
N SER A 15 43.24 10.83 5.74
CA SER A 15 43.91 10.18 4.62
C SER A 15 43.68 8.68 4.73
N PHE A 16 42.82 8.15 3.87
CA PHE A 16 42.52 6.73 3.87
C PHE A 16 43.48 5.99 2.97
N SER A 17 43.74 4.72 3.31
CA SER A 17 44.58 3.91 2.44
C SER A 17 43.68 3.38 1.34
N PHE A 18 44.28 3.17 0.17
CA PHE A 18 43.54 2.63 -0.96
C PHE A 18 42.96 1.25 -0.65
N TYR A 19 43.72 0.43 0.07
CA TYR A 19 43.30 -0.92 0.41
C TYR A 19 42.18 -0.94 1.43
N GLU A 20 42.08 0.08 2.31
CA GLU A 20 40.96 0.14 3.25
C GLU A 20 39.67 0.48 2.46
N LEU A 21 39.76 1.41 1.48
CA LEU A 21 38.61 1.77 0.66
C LEU A 21 38.18 0.65 -0.26
N LYS A 22 39.16 -0.08 -0.81
CA LYS A 22 38.93 -1.24 -1.66
C LYS A 22 38.18 -2.31 -0.83
N ASN A 23 38.66 -2.57 0.39
CA ASN A 23 38.08 -3.53 1.31
C ASN A 23 36.62 -3.23 1.71
N VAL A 24 36.31 -2.00 2.17
CA VAL A 24 34.98 -1.62 2.63
C VAL A 24 33.93 -1.49 1.51
N THR A 25 34.37 -1.43 0.24
CA THR A 25 33.45 -1.37 -0.90
C THR A 25 33.35 -2.71 -1.65
N ASN A 26 33.81 -3.85 -1.02
CA ASN A 26 33.82 -5.19 -1.62
C ASN A 26 34.63 -5.15 -2.94
N ASN A 27 35.86 -4.60 -2.86
CA ASN A 27 36.79 -4.40 -3.97
C ASN A 27 36.16 -3.57 -5.08
N PHE A 28 35.51 -2.45 -4.72
CA PHE A 28 34.79 -1.58 -5.65
C PHE A 28 33.84 -2.38 -6.53
N ASP A 29 32.97 -3.17 -5.89
CA ASP A 29 32.01 -4.04 -6.56
C ASP A 29 31.12 -3.22 -7.51
N GLU A 30 31.22 -3.48 -8.83
CA GLU A 30 30.48 -2.75 -9.86
C GLU A 30 29.02 -3.15 -10.01
N ARG A 31 28.55 -4.18 -9.30
CA ARG A 31 27.16 -4.59 -9.35
C ARG A 31 26.29 -3.64 -8.53
N PRO A 32 25.01 -3.44 -8.88
CA PRO A 32 24.17 -2.50 -8.11
C PRO A 32 23.90 -2.96 -6.68
N ILE A 33 23.55 -2.03 -5.78
CA ILE A 33 23.21 -2.36 -4.40
C ILE A 33 22.07 -3.39 -4.35
N SER A 34 21.07 -3.23 -5.24
CA SER A 34 19.90 -4.11 -5.37
C SER A 34 20.27 -5.58 -5.60
N VAL A 35 21.34 -5.83 -6.37
CA VAL A 35 21.83 -7.19 -6.67
C VAL A 35 22.77 -7.75 -5.56
N GLY A 36 23.20 -6.89 -4.63
CA GLY A 36 24.12 -7.23 -3.56
C GLY A 36 25.52 -6.68 -3.76
N GLY A 37 25.66 -5.76 -4.71
CA GLY A 37 26.93 -5.13 -5.00
C GLY A 37 27.13 -3.83 -4.25
N ASN A 38 28.04 -2.98 -4.73
CA ASN A 38 28.33 -1.72 -4.07
C ASN A 38 28.16 -0.46 -4.92
N LYS A 39 27.90 -0.60 -6.23
CA LYS A 39 27.74 0.56 -7.10
C LYS A 39 26.40 1.25 -6.84
N MET A 40 26.46 2.53 -6.52
CA MET A 40 25.27 3.34 -6.25
C MET A 40 24.91 4.24 -7.44
N GLY A 41 25.90 4.61 -8.25
CA GLY A 41 25.70 5.45 -9.42
C GLY A 41 26.99 6.02 -9.97
N GLU A 42 26.88 6.99 -10.90
CA GLU A 42 28.08 7.61 -11.46
C GLU A 42 27.97 9.11 -11.64
N GLY A 43 28.99 9.81 -11.17
CA GLY A 43 29.16 11.26 -11.31
C GLY A 43 30.00 11.58 -12.53
N GLY A 44 30.55 12.81 -12.60
CA GLY A 44 31.35 13.30 -13.73
C GLY A 44 32.30 12.28 -14.34
N PHE A 45 33.47 12.09 -13.72
CA PHE A 45 34.40 11.05 -14.16
C PHE A 45 34.71 10.23 -12.92
N GLY A 46 33.70 9.50 -12.48
CA GLY A 46 33.80 8.67 -11.30
C GLY A 46 32.58 7.82 -11.06
N VAL A 47 32.77 6.74 -10.30
CA VAL A 47 31.71 5.84 -9.88
C VAL A 47 31.62 5.92 -8.35
N VAL A 48 30.40 6.09 -7.83
CA VAL A 48 30.18 6.21 -6.40
C VAL A 48 29.74 4.84 -5.88
N TYR A 49 30.47 4.32 -4.88
CA TYR A 49 30.22 3.04 -4.25
C TYR A 49 29.82 3.23 -2.80
N LYS A 50 29.05 2.30 -2.24
CA LYS A 50 28.68 2.34 -0.83
C LYS A 50 29.72 1.59 -0.02
N GLY A 51 30.00 2.06 1.18
CA GLY A 51 30.96 1.41 2.06
C GLY A 51 30.64 1.60 3.54
N TYR A 52 31.41 0.93 4.40
CA TYR A 52 31.22 1.08 5.84
C TYR A 52 32.55 1.27 6.56
N VAL A 53 32.89 2.50 6.96
CA VAL A 53 34.17 2.78 7.61
C VAL A 53 33.99 3.25 9.03
N ASN A 54 34.59 2.54 10.02
CA ASN A 54 34.53 2.92 11.43
C ASN A 54 33.12 3.22 11.91
N ASN A 55 32.24 2.25 11.70
CA ASN A 55 30.83 2.30 12.09
C ASN A 55 30.05 3.47 11.47
N THR A 56 30.41 3.86 10.24
CA THR A 56 29.78 4.96 9.50
C THR A 56 29.53 4.51 8.07
N THR A 57 28.30 4.68 7.55
CA THR A 57 28.06 4.35 6.14
C THR A 57 28.64 5.48 5.32
N VAL A 58 29.49 5.15 4.35
CA VAL A 58 30.12 6.17 3.54
C VAL A 58 29.85 5.96 2.07
N ALA A 59 30.06 7.02 1.28
CA ALA A 59 29.98 7.00 -0.15
C ALA A 59 31.41 7.19 -0.60
N VAL A 60 31.91 6.30 -1.46
CA VAL A 60 33.27 6.40 -1.94
C VAL A 60 33.26 6.65 -3.42
N LYS A 61 33.76 7.80 -3.87
CA LYS A 61 33.81 8.10 -5.30
C LYS A 61 35.18 7.75 -5.84
N LYS A 62 35.26 6.74 -6.73
CA LYS A 62 36.52 6.34 -7.34
C LYS A 62 36.63 7.03 -8.71
N LEU A 63 37.54 8.00 -8.82
CA LEU A 63 37.75 8.76 -10.04
C LEU A 63 38.36 7.91 -11.16
N ALA A 64 37.91 8.15 -12.41
CA ALA A 64 38.41 7.49 -13.63
C ALA A 64 37.89 8.25 -14.85
N GLU A 73 45.28 16.99 -15.56
CA GLU A 73 44.48 15.81 -15.82
C GLU A 73 43.23 15.81 -14.88
N LEU A 74 42.64 14.63 -14.59
CA LEU A 74 41.54 14.43 -13.63
C LEU A 74 42.05 14.66 -12.17
N LYS A 75 43.40 14.63 -11.94
CA LYS A 75 44.02 14.89 -10.64
C LYS A 75 43.75 16.32 -10.20
N GLN A 76 43.73 17.29 -11.13
CA GLN A 76 43.42 18.68 -10.75
C GLN A 76 41.96 18.84 -10.31
N GLN A 77 41.05 18.07 -10.89
CA GLN A 77 39.64 18.04 -10.50
C GLN A 77 39.53 17.43 -9.07
N PHE A 78 40.36 16.41 -8.74
CA PHE A 78 40.42 15.76 -7.42
C PHE A 78 40.89 16.78 -6.39
N ASP A 79 42.01 17.47 -6.68
CA ASP A 79 42.57 18.47 -5.78
C ASP A 79 41.63 19.65 -5.57
N GLN A 80 40.90 20.04 -6.63
CA GLN A 80 39.97 21.15 -6.54
C GLN A 80 38.83 20.78 -5.61
N GLU A 81 38.33 19.53 -5.71
CA GLU A 81 37.28 19.03 -4.83
C GLU A 81 37.72 19.13 -3.36
N ILE A 82 38.96 18.69 -3.05
CA ILE A 82 39.51 18.74 -1.69
C ILE A 82 39.70 20.19 -1.21
N LYS A 83 40.27 21.06 -2.08
CA LYS A 83 40.51 22.47 -1.76
C LYS A 83 39.19 23.21 -1.44
N VAL A 84 38.15 23.03 -2.28
CA VAL A 84 36.86 23.69 -2.08
C VAL A 84 36.22 23.18 -0.79
N MET A 85 36.30 21.87 -0.53
CA MET A 85 35.72 21.29 0.68
C MET A 85 36.46 21.68 1.94
N ALA A 86 37.75 21.95 1.83
CA ALA A 86 38.55 22.39 2.97
C ALA A 86 38.09 23.75 3.46
N LYS A 87 37.73 24.64 2.53
CA LYS A 87 37.29 26.00 2.80
C LYS A 87 35.77 26.07 3.10
N CYS A 88 34.96 25.36 2.31
CA CYS A 88 33.52 25.45 2.42
C CYS A 88 32.88 24.36 3.24
N GLN A 89 32.39 24.77 4.40
CA GLN A 89 31.66 23.87 5.28
C GLN A 89 30.35 24.53 5.63
N HIS A 90 29.28 23.94 5.13
CA HIS A 90 27.94 24.46 5.35
C HIS A 90 26.95 23.30 5.42
N GLU A 91 25.80 23.54 6.08
CA GLU A 91 24.70 22.57 6.24
C GLU A 91 24.09 22.12 4.90
N ASN A 92 24.20 22.95 3.87
CA ASN A 92 23.65 22.62 2.57
C ASN A 92 24.71 22.25 1.55
N LEU A 93 25.85 21.74 2.00
CA LEU A 93 26.94 21.26 1.15
C LEU A 93 27.30 19.89 1.64
N VAL A 94 27.74 19.01 0.74
CA VAL A 94 28.14 17.66 1.15
C VAL A 94 29.34 17.70 2.07
N GLU A 95 29.51 16.64 2.87
CA GLU A 95 30.62 16.58 3.79
C GLU A 95 31.65 15.60 3.33
N LEU A 96 32.84 16.10 3.00
CA LEU A 96 33.95 15.25 2.61
C LEU A 96 34.58 14.75 3.91
N LEU A 97 34.73 13.43 4.04
CA LEU A 97 35.35 12.83 5.21
C LEU A 97 36.84 12.63 5.00
N GLY A 98 37.21 12.22 3.80
CA GLY A 98 38.61 11.97 3.49
C GLY A 98 38.84 11.63 2.04
N PHE A 99 40.03 11.15 1.75
CA PHE A 99 40.44 10.84 0.39
C PHE A 99 41.57 9.79 0.37
N SER A 100 41.85 9.27 -0.83
CA SER A 100 42.94 8.34 -1.06
C SER A 100 43.57 8.64 -2.41
N SER A 101 44.90 8.66 -2.48
CA SER A 101 45.60 8.95 -3.74
C SER A 101 46.93 8.16 -3.84
N ASP A 102 46.86 6.81 -3.70
CA ASP A 102 48.00 5.88 -3.69
C ASP A 102 48.93 5.96 -4.95
N GLY A 103 48.32 6.16 -6.11
CA GLY A 103 49.03 6.29 -7.37
C GLY A 103 48.12 6.97 -8.36
N ASP A 104 47.64 6.22 -9.33
CA ASP A 104 46.72 6.75 -10.32
C ASP A 104 45.25 6.66 -9.88
N ASP A 105 44.89 5.73 -8.96
CA ASP A 105 43.48 5.58 -8.59
C ASP A 105 43.04 6.38 -7.34
N LEU A 106 42.44 7.54 -7.63
CA LEU A 106 42.00 8.59 -6.72
C LEU A 106 40.61 8.34 -6.18
N CYS A 107 40.42 8.48 -4.85
CA CYS A 107 39.13 8.27 -4.18
C CYS A 107 38.74 9.42 -3.29
N LEU A 108 37.46 9.70 -3.19
CA LEU A 108 36.93 10.72 -2.28
C LEU A 108 35.87 10.04 -1.41
N VAL A 109 35.97 10.19 -0.09
CA VAL A 109 35.04 9.56 0.84
C VAL A 109 34.15 10.61 1.44
N TYR A 110 32.84 10.42 1.39
CA TYR A 110 31.88 11.37 1.94
C TYR A 110 30.93 10.68 2.91
N VAL A 111 30.16 11.49 3.68
CA VAL A 111 29.09 10.93 4.50
C VAL A 111 28.00 10.48 3.53
N TYR A 112 27.55 9.24 3.64
CA TYR A 112 26.56 8.67 2.75
C TYR A 112 25.24 9.43 2.85
N MET A 113 24.60 9.77 1.70
CA MET A 113 23.32 10.48 1.70
C MET A 113 22.21 9.48 1.47
N PRO A 114 21.48 9.10 2.53
CA PRO A 114 20.44 8.07 2.38
C PRO A 114 19.41 8.22 1.27
N ASN A 115 19.05 9.47 0.91
CA ASN A 115 18.05 9.69 -0.11
C ASN A 115 18.62 10.11 -1.45
N GLY A 116 19.82 9.61 -1.77
CA GLY A 116 20.46 9.85 -3.06
C GLY A 116 20.43 11.26 -3.62
N SER A 117 20.21 11.38 -4.94
CA SER A 117 20.20 12.67 -5.62
C SER A 117 18.78 13.18 -5.87
N LEU A 118 18.61 14.52 -5.95
CA LEU A 118 17.32 15.13 -6.23
C LEU A 118 16.76 14.63 -7.59
N LEU A 119 17.65 14.42 -8.57
CA LEU A 119 17.30 13.92 -9.88
C LEU A 119 16.59 12.55 -9.76
N ASP A 120 17.20 11.63 -9.00
CA ASP A 120 16.63 10.30 -8.82
C ASP A 120 15.33 10.32 -8.06
N ARG A 121 15.21 11.23 -7.07
CA ARG A 121 13.98 11.31 -6.29
C ARG A 121 12.83 11.92 -7.10
N LEU A 122 13.14 12.88 -7.98
CA LEU A 122 12.11 13.46 -8.82
C LEU A 122 11.60 12.42 -9.82
N SER A 123 12.50 11.56 -10.33
CA SER A 123 12.12 10.50 -11.26
C SER A 123 11.54 9.27 -10.58
N CYS A 124 11.56 9.22 -9.21
CA CYS A 124 11.13 8.10 -8.39
C CYS A 124 11.89 6.83 -8.79
N LEU A 125 13.19 6.95 -9.03
CA LEU A 125 14.02 5.82 -9.42
C LEU A 125 14.03 4.74 -8.33
N ASP A 126 14.04 3.46 -8.72
CA ASP A 126 14.07 2.32 -7.78
C ASP A 126 12.87 2.25 -6.84
N GLY A 127 11.76 2.86 -7.25
CA GLY A 127 10.49 2.79 -6.55
C GLY A 127 10.29 3.73 -5.39
N THR A 128 11.15 4.74 -5.24
CA THR A 128 10.99 5.66 -4.12
C THR A 128 9.72 6.49 -4.30
N PRO A 129 9.02 6.84 -3.21
CA PRO A 129 7.79 7.62 -3.34
C PRO A 129 8.07 9.07 -3.75
N PRO A 130 7.08 9.71 -4.40
CA PRO A 130 7.30 11.08 -4.87
C PRO A 130 7.48 12.09 -3.74
N LEU A 131 8.34 13.08 -3.97
CA LEU A 131 8.55 14.14 -2.99
C LEU A 131 7.31 15.04 -2.95
N SER A 132 6.82 15.39 -1.76
CA SER A 132 5.68 16.29 -1.64
C SER A 132 6.08 17.71 -2.03
N TRP A 133 5.11 18.61 -2.17
CA TRP A 133 5.39 20.00 -2.46
C TRP A 133 6.12 20.65 -1.31
N HIS A 134 5.70 20.34 -0.07
CA HIS A 134 6.32 20.85 1.15
C HIS A 134 7.78 20.44 1.22
N MET A 135 8.11 19.19 0.89
CA MET A 135 9.51 18.75 0.90
C MET A 135 10.28 19.40 -0.26
N ARG A 136 9.65 19.59 -1.42
CA ARG A 136 10.29 20.24 -2.57
C ARG A 136 10.65 21.69 -2.26
N CYS A 137 9.83 22.38 -1.47
CA CYS A 137 10.11 23.75 -1.08
C CYS A 137 11.33 23.81 -0.16
N LYS A 138 11.41 22.88 0.79
CA LYS A 138 12.52 22.78 1.72
C LYS A 138 13.83 22.53 0.95
N ILE A 139 13.78 21.67 -0.06
CA ILE A 139 14.94 21.33 -0.85
C ILE A 139 15.38 22.54 -1.63
N ALA A 140 14.46 23.24 -2.30
CA ALA A 140 14.76 24.45 -3.07
C ALA A 140 15.45 25.52 -2.22
N GLN A 141 14.90 25.81 -1.00
CA GLN A 141 15.48 26.78 -0.08
C GLN A 141 16.85 26.34 0.36
N GLY A 142 17.00 25.05 0.67
CA GLY A 142 18.25 24.45 1.06
C GLY A 142 19.33 24.57 -0.01
N ALA A 143 18.99 24.26 -1.26
CA ALA A 143 19.94 24.37 -2.36
C ALA A 143 20.37 25.83 -2.56
N ALA A 144 19.43 26.79 -2.42
CA ALA A 144 19.73 28.23 -2.53
C ALA A 144 20.67 28.67 -1.42
N ASN A 145 20.51 28.12 -0.22
CA ASN A 145 21.38 28.44 0.90
C ASN A 145 22.79 27.92 0.64
N GLY A 146 22.91 26.75 0.04
CA GLY A 146 24.18 26.14 -0.31
C GLY A 146 24.88 26.95 -1.37
N ILE A 147 24.14 27.39 -2.41
CA ILE A 147 24.73 28.22 -3.47
C ILE A 147 25.12 29.58 -2.89
N ASN A 148 24.29 30.14 -2.02
CA ASN A 148 24.59 31.41 -1.38
C ASN A 148 25.89 31.35 -0.59
N PHE A 149 26.12 30.24 0.12
CA PHE A 149 27.35 30.08 0.88
C PHE A 149 28.54 30.02 -0.05
N LEU A 150 28.43 29.29 -1.17
CA LEU A 150 29.50 29.22 -2.16
C LEU A 150 29.82 30.62 -2.72
N HIS A 151 28.78 31.37 -3.13
CA HIS A 151 28.94 32.70 -3.70
C HIS A 151 29.47 33.73 -2.67
N GLU A 152 29.01 33.64 -1.41
CA GLU A 152 29.48 34.50 -0.32
C GLU A 152 30.97 34.28 -0.12
N ASN A 153 31.42 33.02 -0.26
CA ASN A 153 32.82 32.61 -0.16
C ASN A 153 33.56 32.62 -1.49
N HIS A 154 33.06 33.39 -2.47
CA HIS A 154 33.64 33.63 -3.80
C HIS A 154 33.98 32.36 -4.62
N HIS A 155 33.00 31.46 -4.74
CA HIS A 155 33.18 30.25 -5.52
C HIS A 155 32.02 30.11 -6.50
N ILE A 156 32.31 29.81 -7.76
CA ILE A 156 31.30 29.57 -8.79
C ILE A 156 31.32 28.05 -8.91
N HIS A 157 30.18 27.39 -8.70
CA HIS A 157 30.08 25.93 -8.78
C HIS A 157 30.35 25.38 -10.17
N ARG A 158 29.74 25.98 -11.19
CA ARG A 158 29.86 25.66 -12.62
C ARG A 158 29.10 24.38 -13.06
N ASP A 159 28.47 23.65 -12.14
CA ASP A 159 27.71 22.46 -12.52
C ASP A 159 26.50 22.20 -11.62
N ILE A 160 25.70 23.26 -11.39
CA ILE A 160 24.50 23.16 -10.60
C ILE A 160 23.47 22.42 -11.43
N LYS A 161 23.05 21.27 -10.93
CA LYS A 161 22.07 20.40 -11.55
C LYS A 161 21.48 19.49 -10.51
N SER A 162 20.28 18.97 -10.75
CA SER A 162 19.62 18.11 -9.76
C SER A 162 20.37 16.83 -9.43
N ALA A 163 21.24 16.34 -10.33
CA ALA A 163 22.06 15.16 -10.06
C ALA A 163 23.15 15.48 -9.01
N ASN A 164 23.52 16.77 -8.85
CA ASN A 164 24.50 17.26 -7.90
C ASN A 164 23.87 17.87 -6.63
N ILE A 165 22.58 17.64 -6.39
CA ILE A 165 21.94 18.09 -5.16
C ILE A 165 21.53 16.84 -4.46
N LEU A 166 22.29 16.42 -3.45
CA LEU A 166 21.99 15.20 -2.72
C LEU A 166 21.05 15.45 -1.55
N LEU A 167 20.45 14.39 -1.02
CA LEU A 167 19.46 14.50 0.04
C LEU A 167 19.83 13.57 1.20
N ASP A 168 19.99 14.17 2.38
CA ASP A 168 20.37 13.42 3.56
C ASP A 168 19.17 12.72 4.19
N GLU A 169 19.39 12.14 5.40
CA GLU A 169 18.42 11.40 6.19
C GLU A 169 17.21 12.24 6.67
N ALA A 170 17.18 13.53 6.37
CA ALA A 170 16.05 14.42 6.69
C ALA A 170 15.58 15.23 5.45
N PHE A 171 16.03 14.83 4.23
CA PHE A 171 15.81 15.47 2.94
C PHE A 171 16.38 16.87 2.88
N THR A 172 17.51 17.10 3.57
CA THR A 172 18.17 18.38 3.51
C THR A 172 19.01 18.39 2.22
N ALA A 173 18.86 19.46 1.41
CA ALA A 173 19.60 19.59 0.16
C ALA A 173 21.07 19.82 0.44
N LYS A 174 21.95 19.05 -0.24
CA LYS A 174 23.40 19.12 -0.10
C LYS A 174 24.06 19.27 -1.46
N ILE A 175 24.59 20.47 -1.80
CA ILE A 175 25.27 20.66 -3.08
C ILE A 175 26.54 19.82 -3.09
N SER A 176 26.77 19.05 -4.15
CA SER A 176 27.96 18.21 -4.32
C SER A 176 28.69 18.52 -5.64
N ASP A 177 29.85 17.85 -5.90
CA ASP A 177 30.71 17.93 -7.09
C ASP A 177 31.29 19.31 -7.35
N PHE A 178 32.37 19.61 -6.64
CA PHE A 178 33.11 20.86 -6.76
C PHE A 178 34.42 20.72 -7.57
N GLY A 179 34.53 19.67 -8.37
CA GLY A 179 35.71 19.45 -9.20
C GLY A 179 35.93 20.51 -10.27
N LEU A 180 34.85 21.18 -10.67
CA LEU A 180 34.83 22.26 -11.66
C LEU A 180 34.80 23.65 -11.03
N ALA A 181 34.54 23.76 -9.72
CA ALA A 181 34.41 25.04 -9.02
C ALA A 181 35.58 25.99 -9.22
N ARG A 182 35.27 27.28 -9.39
CA ARG A 182 36.30 28.29 -9.59
C ARG A 182 36.22 29.40 -8.54
N ALA A 183 37.36 29.89 -8.08
CA ALA A 183 37.42 30.97 -7.10
C ALA A 183 37.39 32.36 -7.75
N SER A 184 36.24 33.07 -7.64
CA SER A 184 36.03 34.42 -8.17
C SER A 184 37.11 35.41 -7.69
N VAL A 191 35.10 37.34 -17.30
CA VAL A 191 36.09 36.28 -17.22
C VAL A 191 35.83 35.15 -18.24
N MET A 192 36.84 34.81 -19.07
CA MET A 192 36.72 33.79 -20.10
C MET A 192 37.60 32.54 -19.88
N TPO A 193 37.30 31.45 -20.63
CA TPO A 193 38.02 30.18 -20.62
CB TPO A 193 37.61 29.21 -19.45
CG2 TPO A 193 36.16 28.72 -19.57
OG1 TPO A 193 38.41 28.01 -19.42
P TPO A 193 39.72 27.95 -18.56
O1P TPO A 193 39.76 26.59 -17.87
O2P TPO A 193 40.94 28.07 -19.54
O3P TPO A 193 39.79 28.96 -17.44
C TPO A 193 37.90 29.44 -21.97
O TPO A 193 36.90 29.60 -22.70
N SEP A 194 38.92 28.63 -22.30
CA SEP A 194 38.92 27.83 -23.54
CB SEP A 194 40.32 27.53 -24.05
OG SEP A 194 41.08 26.85 -23.04
C SEP A 194 38.28 26.46 -23.29
O SEP A 194 37.65 25.91 -24.19
P SEP A 194 42.60 27.03 -23.34
O1P SEP A 194 43.09 25.95 -24.31
O2P SEP A 194 43.30 26.94 -21.97
O3P SEP A 194 42.93 28.39 -23.96
N ARG A 195 38.45 25.92 -22.07
CA ARG A 195 37.89 24.62 -21.70
C ARG A 195 36.53 24.81 -21.05
N ILE A 196 35.47 24.77 -21.86
CA ILE A 196 34.08 24.94 -21.43
C ILE A 196 33.55 23.66 -20.80
N VAL A 197 33.19 23.72 -19.52
CA VAL A 197 32.70 22.57 -18.78
C VAL A 197 31.33 22.80 -18.11
N GLY A 198 30.58 21.72 -17.96
CA GLY A 198 29.25 21.75 -17.38
C GLY A 198 28.27 20.89 -18.17
N THR A 199 27.02 20.81 -17.71
CA THR A 199 26.00 20.00 -18.38
C THR A 199 25.16 20.86 -19.29
N THR A 200 25.23 20.63 -20.59
CA THR A 200 24.56 21.44 -21.62
C THR A 200 23.08 21.79 -21.28
N ALA A 201 22.27 20.83 -20.86
CA ALA A 201 20.86 21.05 -20.55
C ALA A 201 20.59 22.11 -19.45
N TYR A 202 21.61 22.40 -18.62
CA TYR A 202 21.50 23.35 -17.51
C TYR A 202 22.27 24.65 -17.75
N MET A 203 23.29 24.62 -18.59
CA MET A 203 24.16 25.77 -18.82
C MET A 203 23.45 26.99 -19.31
N ALA A 204 23.93 28.13 -18.85
CA ALA A 204 23.47 29.45 -19.25
C ALA A 204 24.02 29.73 -20.67
N PRO A 205 23.38 30.62 -21.45
CA PRO A 205 23.91 30.90 -22.79
C PRO A 205 25.39 31.36 -22.77
N GLU A 206 25.74 32.29 -21.86
CA GLU A 206 27.13 32.78 -21.79
C GLU A 206 28.12 31.74 -21.26
N ALA A 207 27.68 30.77 -20.44
CA ALA A 207 28.54 29.70 -19.93
C ALA A 207 28.94 28.79 -21.09
N LEU A 208 27.96 28.46 -21.97
CA LEU A 208 28.16 27.67 -23.18
C LEU A 208 29.14 28.31 -24.14
N ARG A 209 29.35 29.65 -24.02
CA ARG A 209 30.26 30.45 -24.82
C ARG A 209 31.66 30.60 -24.22
N GLY A 210 31.86 30.17 -22.98
CA GLY A 210 33.17 30.27 -22.34
C GLY A 210 33.28 31.23 -21.17
N GLU A 211 32.19 31.94 -20.83
CA GLU A 211 32.22 32.86 -19.70
C GLU A 211 32.11 32.13 -18.34
N ILE A 212 32.91 32.57 -17.37
CA ILE A 212 32.85 32.03 -16.02
C ILE A 212 32.27 33.11 -15.10
N THR A 213 30.99 32.97 -14.71
CA THR A 213 30.35 33.98 -13.85
C THR A 213 29.38 33.33 -12.85
N PRO A 214 29.26 33.86 -11.60
CA PRO A 214 28.26 33.32 -10.68
C PRO A 214 26.83 33.50 -11.20
N LYS A 215 26.61 34.38 -12.19
CA LYS A 215 25.30 34.55 -12.80
C LYS A 215 24.88 33.29 -13.60
N SER A 216 25.85 32.49 -14.07
CA SER A 216 25.59 31.25 -14.79
C SER A 216 25.02 30.20 -13.81
N ASP A 217 25.52 30.20 -12.54
CA ASP A 217 25.04 29.29 -11.49
C ASP A 217 23.55 29.56 -11.21
N ILE A 218 23.13 30.84 -11.24
CA ILE A 218 21.75 31.25 -11.04
C ILE A 218 20.85 30.66 -12.15
N TYR A 219 21.30 30.76 -13.42
CA TYR A 219 20.56 30.18 -14.56
C TYR A 219 20.35 28.69 -14.37
N SER A 220 21.42 27.96 -14.02
CA SER A 220 21.37 26.52 -13.78
C SER A 220 20.39 26.19 -12.63
N PHE A 221 20.35 27.05 -11.60
CA PHE A 221 19.42 26.88 -10.49
C PHE A 221 17.97 27.06 -10.93
N GLY A 222 17.74 27.94 -11.90
CA GLY A 222 16.41 28.13 -12.48
C GLY A 222 15.91 26.86 -13.14
N VAL A 223 16.83 26.10 -13.78
CA VAL A 223 16.52 24.80 -14.41
C VAL A 223 16.18 23.79 -13.34
N VAL A 224 16.91 23.79 -12.23
CA VAL A 224 16.62 22.91 -11.10
C VAL A 224 15.22 23.22 -10.52
N LEU A 225 14.85 24.51 -10.38
CA LEU A 225 13.52 24.88 -9.90
C LEU A 225 12.44 24.37 -10.84
N LEU A 226 12.66 24.42 -12.17
CA LEU A 226 11.68 23.87 -13.11
C LEU A 226 11.57 22.38 -12.94
N GLU A 227 12.68 21.68 -12.72
CA GLU A 227 12.66 20.24 -12.48
C GLU A 227 11.86 19.92 -11.23
N ILE A 228 12.01 20.73 -10.17
CA ILE A 228 11.29 20.55 -8.91
C ILE A 228 9.77 20.76 -9.14
N ILE A 229 9.40 21.83 -9.86
CA ILE A 229 7.98 22.11 -10.12
C ILE A 229 7.32 21.05 -10.98
N THR A 230 7.98 20.65 -12.06
CA THR A 230 7.40 19.73 -13.05
C THR A 230 7.66 18.24 -12.85
N GLY A 231 8.76 17.92 -12.18
CA GLY A 231 9.17 16.54 -12.04
C GLY A 231 9.80 15.95 -13.30
N LEU A 232 10.00 16.79 -14.33
CA LEU A 232 10.57 16.39 -15.61
C LEU A 232 12.08 16.59 -15.61
N PRO A 233 12.85 15.67 -16.23
CA PRO A 233 14.30 15.89 -16.31
C PRO A 233 14.66 17.08 -17.22
N ALA A 234 15.82 17.74 -17.01
CA ALA A 234 16.20 18.91 -17.83
C ALA A 234 16.31 18.59 -19.33
N VAL A 235 16.61 17.34 -19.67
CA VAL A 235 16.66 16.91 -21.05
C VAL A 235 16.01 15.51 -21.17
N ASP A 236 15.20 15.32 -22.22
CA ASP A 236 14.53 14.07 -22.50
C ASP A 236 14.43 14.04 -24.00
N GLU A 237 15.15 13.09 -24.64
CA GLU A 237 15.17 13.04 -26.10
C GLU A 237 13.86 12.58 -26.72
N HIS A 238 13.00 11.88 -25.96
CA HIS A 238 11.70 11.45 -26.47
C HIS A 238 10.62 12.36 -25.90
N ARG A 239 10.85 13.68 -25.98
CA ARG A 239 9.92 14.66 -25.44
C ARG A 239 9.87 15.91 -26.27
N GLU A 240 8.74 16.61 -26.25
CA GLU A 240 8.60 17.87 -26.96
C GLU A 240 8.10 18.93 -26.00
N PRO A 241 8.94 19.91 -25.62
CA PRO A 241 10.33 20.13 -26.05
C PRO A 241 11.34 19.23 -25.34
N GLN A 242 12.48 18.95 -25.98
CA GLN A 242 13.50 18.09 -25.38
C GLN A 242 14.18 18.80 -24.22
N LEU A 243 14.39 20.14 -24.33
CA LEU A 243 15.01 20.90 -23.25
C LEU A 243 13.97 21.54 -22.35
N LEU A 244 13.99 21.19 -21.06
CA LEU A 244 13.03 21.70 -20.07
C LEU A 244 12.97 23.22 -20.02
N LEU A 245 14.13 23.91 -20.14
CA LEU A 245 14.13 25.37 -20.12
C LEU A 245 13.25 25.99 -21.22
N ASP A 246 12.95 25.23 -22.30
CA ASP A 246 12.11 25.71 -23.39
C ASP A 246 10.63 25.90 -22.97
N ILE A 247 10.21 25.28 -21.85
CA ILE A 247 8.85 25.45 -21.36
C ILE A 247 8.60 26.88 -20.88
N LYS A 248 9.66 27.61 -20.47
CA LYS A 248 9.56 29.01 -20.06
C LYS A 248 8.99 29.86 -21.23
N GLU A 249 9.42 29.54 -22.46
CA GLU A 249 8.95 30.23 -23.64
C GLU A 249 7.54 29.84 -24.01
N GLU A 250 7.16 28.58 -23.81
CA GLU A 250 5.81 28.12 -24.06
C GLU A 250 4.81 28.82 -23.15
N ILE A 251 5.19 29.02 -21.89
CA ILE A 251 4.36 29.70 -20.89
C ILE A 251 4.28 31.19 -21.21
N GLU A 252 5.41 31.81 -21.54
CA GLU A 252 5.45 33.23 -21.88
C GLU A 252 4.68 33.55 -23.15
N ASP A 253 4.74 32.64 -24.15
CA ASP A 253 3.97 32.83 -25.38
C ASP A 253 2.51 32.34 -25.26
N GLU A 254 2.05 32.10 -24.00
CA GLU A 254 0.71 31.66 -23.56
C GLU A 254 0.16 30.43 -24.29
N GLU A 255 1.07 29.60 -24.83
CA GLU A 255 0.70 28.35 -25.47
C GLU A 255 0.29 27.33 -24.38
N LYS A 256 1.03 27.33 -23.26
CA LYS A 256 0.82 26.49 -22.09
C LYS A 256 0.84 27.38 -20.83
N THR A 257 0.35 26.84 -19.69
CA THR A 257 0.39 27.53 -18.39
C THR A 257 1.28 26.71 -17.44
N ILE A 258 1.69 27.29 -16.28
CA ILE A 258 2.49 26.53 -15.31
C ILE A 258 1.69 25.35 -14.77
N GLU A 259 0.35 25.52 -14.64
CA GLU A 259 -0.56 24.47 -14.18
C GLU A 259 -0.46 23.24 -15.06
N ASP A 260 -0.32 23.42 -16.37
CA ASP A 260 -0.17 22.33 -17.33
C ASP A 260 1.08 21.49 -17.10
N TYR A 261 2.13 22.08 -16.53
CA TYR A 261 3.38 21.39 -16.32
C TYR A 261 3.65 20.94 -14.89
N ILE A 262 2.84 21.36 -13.89
CA ILE A 262 3.05 20.94 -12.49
C ILE A 262 3.10 19.42 -12.36
N ASP A 263 4.01 18.89 -11.55
CA ASP A 263 4.15 17.46 -11.32
C ASP A 263 2.86 16.89 -10.75
N LYS A 264 2.23 15.99 -11.49
CA LYS A 264 0.99 15.35 -11.06
C LYS A 264 1.21 14.36 -9.91
N LYS A 265 2.48 14.02 -9.57
CA LYS A 265 2.79 13.12 -8.46
C LYS A 265 2.86 13.84 -7.08
N MET A 266 2.06 14.89 -6.92
CA MET A 266 1.97 15.66 -5.68
C MET A 266 0.51 15.89 -5.37
N ASN A 267 0.13 15.77 -4.09
CA ASN A 267 -1.24 16.08 -3.71
C ASN A 267 -1.36 17.39 -2.88
N ASP A 268 -0.23 17.99 -2.47
CA ASP A 268 -0.21 19.19 -1.63
C ASP A 268 0.33 20.45 -2.30
N ALA A 269 0.43 20.46 -3.63
CA ALA A 269 0.95 21.63 -4.33
C ALA A 269 -0.16 22.67 -4.52
N ASP A 270 -0.04 23.83 -3.90
CA ASP A 270 -1.04 24.89 -4.09
C ASP A 270 -0.55 25.84 -5.19
N SER A 271 -1.48 26.34 -6.00
CA SER A 271 -1.19 27.22 -7.13
C SER A 271 -0.38 28.46 -6.80
N THR A 272 -0.66 29.11 -5.68
CA THR A 272 0.03 30.33 -5.28
C THR A 272 1.53 30.10 -5.07
N SER A 273 1.90 29.08 -4.28
CA SER A 273 3.31 28.80 -4.03
C SER A 273 4.00 28.22 -5.24
N VAL A 274 3.28 27.45 -6.07
CA VAL A 274 3.86 26.91 -7.29
C VAL A 274 4.22 28.06 -8.26
N GLU A 275 3.30 29.04 -8.40
CA GLU A 275 3.53 30.22 -9.24
C GLU A 275 4.63 31.12 -8.65
N ALA A 276 4.77 31.17 -7.33
CA ALA A 276 5.81 31.94 -6.68
C ALA A 276 7.17 31.33 -7.01
N MET A 277 7.27 29.98 -6.96
CA MET A 277 8.53 29.30 -7.30
C MET A 277 8.83 29.41 -8.80
N TYR A 278 7.77 29.35 -9.66
CA TYR A 278 7.97 29.51 -11.08
C TYR A 278 8.45 30.93 -11.39
N SER A 279 7.95 31.96 -10.69
CA SER A 279 8.41 33.34 -10.89
C SER A 279 9.93 33.45 -10.63
N VAL A 280 10.44 32.76 -9.59
CA VAL A 280 11.87 32.74 -9.28
C VAL A 280 12.63 32.06 -10.44
N ALA A 281 12.14 30.87 -10.90
CA ALA A 281 12.75 30.11 -11.99
C ALA A 281 12.82 30.96 -13.26
N SER A 282 11.75 31.69 -13.56
CA SER A 282 11.65 32.56 -14.72
C SER A 282 12.71 33.68 -14.65
N GLN A 283 12.89 34.27 -13.45
CA GLN A 283 13.88 35.32 -13.25
C GLN A 283 15.29 34.77 -13.41
N CYS A 284 15.54 33.56 -12.88
CA CYS A 284 16.85 32.91 -13.00
C CYS A 284 17.19 32.58 -14.44
N LEU A 285 16.18 32.27 -15.27
CA LEU A 285 16.39 31.88 -16.66
C LEU A 285 16.36 33.02 -17.67
N HIS A 286 16.60 34.25 -17.22
CA HIS A 286 16.68 35.38 -18.12
C HIS A 286 17.93 35.21 -18.99
N GLU A 287 17.80 35.42 -20.28
CA GLU A 287 18.91 35.22 -21.22
C GLU A 287 20.07 36.19 -20.99
N LYS A 288 19.78 37.39 -20.51
CA LYS A 288 20.80 38.38 -20.19
C LYS A 288 21.30 38.10 -18.78
N LYS A 289 22.60 37.82 -18.61
CA LYS A 289 23.15 37.49 -17.29
C LYS A 289 22.94 38.60 -16.26
N ASN A 290 22.98 39.86 -16.71
CA ASN A 290 22.81 41.00 -15.82
C ASN A 290 21.36 41.23 -15.36
N LYS A 291 20.38 40.66 -16.07
CA LYS A 291 18.98 40.80 -15.69
C LYS A 291 18.56 39.78 -14.62
N ARG A 292 19.31 38.67 -14.48
CA ARG A 292 19.06 37.63 -13.48
C ARG A 292 19.29 38.17 -12.07
N PRO A 293 18.53 37.68 -11.07
CA PRO A 293 18.77 38.13 -9.69
C PRO A 293 20.00 37.46 -9.08
N ASP A 294 20.62 38.10 -8.07
CA ASP A 294 21.74 37.46 -7.38
C ASP A 294 21.19 36.36 -6.42
N ILE A 295 22.08 35.49 -5.90
CA ILE A 295 21.64 34.39 -5.05
C ILE A 295 20.94 34.85 -3.76
N LYS A 296 21.34 36.01 -3.18
CA LYS A 296 20.69 36.52 -1.98
C LYS A 296 19.22 36.87 -2.27
N LYS A 297 18.93 37.37 -3.47
CA LYS A 297 17.58 37.71 -3.88
C LYS A 297 16.77 36.43 -4.12
N VAL A 298 17.38 35.41 -4.75
CA VAL A 298 16.72 34.12 -5.00
C VAL A 298 16.36 33.47 -3.66
N GLN A 299 17.29 33.53 -2.71
CA GLN A 299 17.14 33.01 -1.35
C GLN A 299 16.01 33.75 -0.63
N GLN A 300 15.92 35.06 -0.81
CA GLN A 300 14.90 35.92 -0.22
C GLN A 300 13.52 35.59 -0.79
N LEU A 301 13.42 35.41 -2.09
CA LEU A 301 12.15 35.08 -2.75
C LEU A 301 11.64 33.70 -2.34
N LEU A 302 12.55 32.71 -2.20
CA LEU A 302 12.19 31.34 -1.80
C LEU A 302 11.72 31.28 -0.35
N GLN A 303 12.21 32.17 0.51
CA GLN A 303 11.74 32.21 1.89
C GLN A 303 10.38 32.92 1.96
N GLU A 304 10.15 33.94 1.12
CA GLU A 304 8.87 34.67 1.05
C GLU A 304 7.73 33.77 0.61
N MET A 305 8.03 32.80 -0.28
CA MET A 305 7.13 31.80 -0.85
C MET A 305 6.44 30.95 0.24
N THR A 306 7.13 30.72 1.35
CA THR A 306 6.61 29.93 2.46
C THR A 306 6.28 30.82 3.68
N PHE B 13 -20.86 -37.90 -11.85
CA PHE B 13 -19.52 -37.36 -11.66
C PHE B 13 -18.40 -38.13 -12.46
N HIS B 14 -17.17 -37.61 -12.45
CA HIS B 14 -16.01 -38.18 -13.17
C HIS B 14 -15.15 -39.07 -12.28
N SER B 15 -14.72 -40.24 -12.79
CA SER B 15 -13.85 -41.12 -12.01
C SER B 15 -12.40 -40.87 -12.36
N PHE B 16 -11.60 -40.40 -11.40
CA PHE B 16 -10.18 -40.14 -11.65
C PHE B 16 -9.33 -41.30 -11.21
N SER B 17 -8.22 -41.53 -11.92
CA SER B 17 -7.27 -42.57 -11.50
C SER B 17 -6.46 -41.97 -10.36
N PHE B 18 -6.10 -42.75 -9.34
CA PHE B 18 -5.33 -42.24 -8.20
C PHE B 18 -4.03 -41.52 -8.64
N TYR B 19 -3.40 -42.03 -9.69
CA TYR B 19 -2.18 -41.49 -10.25
C TYR B 19 -2.37 -40.14 -10.93
N GLU B 20 -3.59 -39.86 -11.41
CA GLU B 20 -3.88 -38.59 -12.06
C GLU B 20 -3.87 -37.49 -11.03
N LEU B 21 -4.57 -37.73 -9.92
CA LEU B 21 -4.67 -36.79 -8.82
C LEU B 21 -3.33 -36.65 -8.14
N LYS B 22 -2.62 -37.77 -7.92
CA LYS B 22 -1.29 -37.75 -7.32
C LYS B 22 -0.33 -36.92 -8.16
N ASN B 23 -0.46 -36.97 -9.47
CA ASN B 23 0.35 -36.18 -10.37
C ASN B 23 -0.01 -34.68 -10.36
N VAL B 24 -1.31 -34.34 -10.52
CA VAL B 24 -1.74 -32.94 -10.55
C VAL B 24 -1.69 -32.23 -9.17
N THR B 25 -1.40 -32.97 -8.08
CA THR B 25 -1.21 -32.37 -6.75
C THR B 25 0.28 -32.38 -6.32
N ASN B 26 1.23 -32.50 -7.28
CA ASN B 26 2.67 -32.53 -7.04
C ASN B 26 3.02 -33.62 -6.01
N ASN B 27 2.55 -34.85 -6.27
CA ASN B 27 2.72 -36.03 -5.43
C ASN B 27 2.10 -35.80 -4.05
N PHE B 28 0.94 -35.10 -3.96
CA PHE B 28 0.25 -34.75 -2.71
C PHE B 28 1.21 -34.00 -1.76
N ASP B 29 1.74 -32.89 -2.27
CA ASP B 29 2.70 -32.01 -1.63
C ASP B 29 2.10 -31.32 -0.43
N GLU B 30 2.55 -31.71 0.78
CA GLU B 30 2.02 -31.11 2.02
C GLU B 30 2.62 -29.75 2.36
N ARG B 31 3.35 -29.12 1.43
CA ARG B 31 3.87 -27.78 1.67
C ARG B 31 2.80 -26.75 1.28
N PRO B 32 2.77 -25.57 1.93
CA PRO B 32 1.74 -24.57 1.58
C PRO B 32 1.89 -24.01 0.18
N ILE B 33 0.81 -23.45 -0.38
CA ILE B 33 0.81 -22.82 -1.71
C ILE B 33 1.87 -21.70 -1.76
N SER B 34 1.95 -20.92 -0.67
CA SER B 34 2.91 -19.81 -0.52
C SER B 34 4.37 -20.23 -0.69
N VAL B 35 4.73 -21.45 -0.25
CA VAL B 35 6.08 -22.01 -0.38
C VAL B 35 6.32 -22.72 -1.76
N GLY B 36 5.25 -22.91 -2.52
CA GLY B 36 5.31 -23.58 -3.81
C GLY B 36 4.69 -24.97 -3.80
N GLY B 37 4.03 -25.33 -2.71
CA GLY B 37 3.41 -26.63 -2.54
C GLY B 37 1.96 -26.66 -3.00
N ASN B 38 1.23 -27.70 -2.59
CA ASN B 38 -0.17 -27.82 -3.00
C ASN B 38 -1.15 -27.85 -1.84
N LYS B 39 -0.69 -28.03 -0.61
CA LYS B 39 -1.59 -28.05 0.55
C LYS B 39 -2.24 -26.71 0.74
N MET B 40 -3.60 -26.67 0.74
CA MET B 40 -4.38 -25.45 0.93
C MET B 40 -4.95 -25.33 2.36
N GLY B 41 -5.21 -26.46 2.99
CA GLY B 41 -5.77 -26.49 4.33
C GLY B 41 -6.18 -27.87 4.77
N GLU B 42 -6.62 -27.97 6.04
CA GLU B 42 -7.08 -29.23 6.66
C GLU B 42 -8.54 -29.08 7.06
N GLY B 43 -9.31 -30.16 6.95
CA GLY B 43 -10.72 -30.11 7.29
C GLY B 43 -11.44 -31.44 7.34
N GLY B 44 -12.06 -31.72 8.48
CA GLY B 44 -12.78 -32.96 8.68
C GLY B 44 -11.84 -34.15 8.65
N PHE B 45 -11.97 -35.01 7.62
CA PHE B 45 -11.10 -36.18 7.51
C PHE B 45 -10.25 -36.17 6.26
N GLY B 46 -9.58 -35.06 6.02
CA GLY B 46 -8.72 -34.94 4.87
C GLY B 46 -8.00 -33.63 4.75
N VAL B 47 -6.97 -33.62 3.91
CA VAL B 47 -6.20 -32.43 3.62
C VAL B 47 -6.57 -31.99 2.21
N VAL B 48 -7.03 -30.77 2.04
CA VAL B 48 -7.41 -30.25 0.73
C VAL B 48 -6.18 -29.71 0.01
N TYR B 49 -5.97 -30.16 -1.23
CA TYR B 49 -4.85 -29.76 -2.07
C TYR B 49 -5.29 -29.04 -3.37
N LYS B 50 -4.40 -28.23 -3.94
CA LYS B 50 -4.67 -27.57 -5.21
C LYS B 50 -4.26 -28.52 -6.33
N GLY B 51 -5.00 -28.52 -7.43
CA GLY B 51 -4.71 -29.37 -8.58
C GLY B 51 -5.22 -28.77 -9.87
N TYR B 52 -4.85 -29.37 -11.02
CA TYR B 52 -5.34 -28.90 -12.31
C TYR B 52 -5.60 -30.06 -13.27
N VAL B 53 -6.89 -30.36 -13.56
CA VAL B 53 -7.33 -31.41 -14.50
C VAL B 53 -8.39 -30.85 -15.45
N ASN B 54 -8.16 -31.00 -16.78
CA ASN B 54 -9.00 -30.45 -17.86
C ASN B 54 -8.65 -28.94 -18.07
N ASN B 55 -7.42 -28.51 -17.62
CA ASN B 55 -6.92 -27.12 -17.57
C ASN B 55 -7.62 -26.27 -16.47
N THR B 56 -8.62 -26.88 -15.79
CA THR B 56 -9.50 -26.43 -14.72
C THR B 56 -8.79 -26.56 -13.36
N THR B 57 -8.86 -25.53 -12.51
CA THR B 57 -8.28 -25.63 -11.18
C THR B 57 -9.25 -26.42 -10.30
N VAL B 58 -8.75 -27.45 -9.60
CA VAL B 58 -9.57 -28.28 -8.74
C VAL B 58 -9.08 -28.29 -7.31
N ALA B 59 -9.97 -28.62 -6.38
CA ALA B 59 -9.62 -28.77 -4.99
C ALA B 59 -9.73 -30.26 -4.67
N VAL B 60 -8.60 -30.96 -4.59
CA VAL B 60 -8.51 -32.40 -4.31
C VAL B 60 -8.44 -32.65 -2.78
N LYS B 61 -9.43 -33.33 -2.20
CA LYS B 61 -9.43 -33.67 -0.77
C LYS B 61 -8.96 -35.11 -0.61
N LYS B 62 -7.78 -35.34 0.01
CA LYS B 62 -7.31 -36.70 0.21
C LYS B 62 -7.70 -37.21 1.60
N LEU B 63 -8.61 -38.20 1.66
CA LEU B 63 -9.17 -38.78 2.89
C LEU B 63 -8.21 -39.64 3.74
N ALA B 64 -8.08 -39.27 5.03
CA ALA B 64 -7.23 -39.96 6.01
C ALA B 64 -8.03 -40.32 7.29
N LEU B 74 -15.12 -44.80 7.84
CA LEU B 74 -14.80 -43.56 7.12
C LEU B 74 -15.25 -43.64 5.69
N LYS B 75 -15.13 -44.84 5.04
CA LYS B 75 -15.61 -45.08 3.66
C LYS B 75 -17.09 -44.65 3.51
N GLN B 76 -17.86 -44.77 4.62
CA GLN B 76 -19.27 -44.37 4.78
C GLN B 76 -19.45 -42.90 4.40
N GLN B 77 -18.56 -42.03 4.89
CA GLN B 77 -18.59 -40.60 4.58
C GLN B 77 -18.17 -40.29 3.13
N PHE B 78 -17.27 -41.11 2.56
CA PHE B 78 -16.83 -40.93 1.18
C PHE B 78 -18.02 -41.22 0.25
N ASP B 79 -18.67 -42.38 0.43
CA ASP B 79 -19.84 -42.72 -0.38
C ASP B 79 -21.00 -41.77 -0.09
N GLN B 80 -21.16 -41.37 1.18
CA GLN B 80 -22.20 -40.45 1.64
C GLN B 80 -22.08 -39.15 0.90
N GLU B 81 -20.88 -38.53 0.88
CA GLU B 81 -20.65 -37.27 0.17
C GLU B 81 -21.03 -37.37 -1.31
N ILE B 82 -20.66 -38.48 -2.00
CA ILE B 82 -21.05 -38.65 -3.41
C ILE B 82 -22.57 -38.71 -3.53
N LYS B 83 -23.21 -39.50 -2.64
CA LYS B 83 -24.67 -39.67 -2.59
C LYS B 83 -25.40 -38.33 -2.41
N VAL B 84 -24.95 -37.52 -1.44
CA VAL B 84 -25.55 -36.22 -1.18
C VAL B 84 -25.34 -35.25 -2.34
N MET B 85 -24.09 -35.10 -2.81
CA MET B 85 -23.79 -34.19 -3.92
C MET B 85 -24.49 -34.55 -5.21
N ALA B 86 -24.82 -35.83 -5.39
CA ALA B 86 -25.51 -36.28 -6.57
C ALA B 86 -26.93 -35.72 -6.55
N LYS B 87 -27.64 -35.83 -5.41
CA LYS B 87 -29.02 -35.37 -5.29
C LYS B 87 -29.15 -33.86 -5.19
N CYS B 88 -28.32 -33.24 -4.36
CA CYS B 88 -28.42 -31.82 -4.05
C CYS B 88 -27.52 -30.94 -4.88
N GLN B 89 -28.11 -30.26 -5.86
CA GLN B 89 -27.35 -29.34 -6.69
C GLN B 89 -27.96 -27.97 -6.65
N HIS B 90 -27.21 -27.03 -6.04
CA HIS B 90 -27.67 -25.67 -5.83
C HIS B 90 -26.51 -24.70 -5.93
N GLU B 91 -26.84 -23.42 -6.22
CA GLU B 91 -25.86 -22.33 -6.35
C GLU B 91 -25.09 -22.03 -5.06
N ASN B 92 -25.68 -22.38 -3.92
CA ASN B 92 -25.04 -22.15 -2.63
C ASN B 92 -24.53 -23.42 -1.99
N LEU B 93 -24.19 -24.43 -2.80
CA LEU B 93 -23.59 -25.70 -2.37
C LEU B 93 -22.38 -25.94 -3.25
N VAL B 94 -21.34 -26.56 -2.71
CA VAL B 94 -20.15 -26.86 -3.51
C VAL B 94 -20.45 -27.86 -4.60
N GLU B 95 -19.63 -27.89 -5.66
CA GLU B 95 -19.86 -28.81 -6.76
C GLU B 95 -18.80 -29.89 -6.75
N LEU B 96 -19.24 -31.14 -6.65
CA LEU B 96 -18.34 -32.28 -6.71
C LEU B 96 -18.11 -32.63 -8.16
N LEU B 97 -16.87 -32.90 -8.54
CA LEU B 97 -16.53 -33.25 -9.91
C LEU B 97 -16.10 -34.69 -10.05
N GLY B 98 -15.38 -35.21 -9.07
CA GLY B 98 -14.87 -36.57 -9.17
C GLY B 98 -14.49 -37.26 -7.88
N PHE B 99 -13.89 -38.44 -8.06
CA PHE B 99 -13.50 -39.31 -6.95
C PHE B 99 -12.40 -40.30 -7.35
N SER B 100 -11.80 -40.99 -6.36
CA SER B 100 -10.78 -42.02 -6.59
C SER B 100 -10.90 -43.13 -5.54
N SER B 101 -10.72 -44.38 -5.98
CA SER B 101 -10.75 -45.52 -5.06
C SER B 101 -9.85 -46.62 -5.60
N ASP B 102 -8.60 -46.27 -5.94
CA ASP B 102 -7.65 -47.26 -6.45
C ASP B 102 -6.20 -46.96 -6.04
N ASP B 105 -5.75 -44.98 -1.93
CA ASP B 105 -6.37 -43.90 -1.16
C ASP B 105 -7.68 -43.39 -1.74
N LEU B 106 -8.52 -42.72 -0.90
CA LEU B 106 -9.80 -42.17 -1.35
C LEU B 106 -9.69 -40.65 -1.45
N CYS B 107 -10.08 -40.10 -2.60
CA CYS B 107 -10.03 -38.65 -2.79
C CYS B 107 -11.36 -38.12 -3.32
N LEU B 108 -11.66 -36.85 -2.99
CA LEU B 108 -12.86 -36.17 -3.47
C LEU B 108 -12.40 -34.92 -4.22
N VAL B 109 -12.79 -34.80 -5.49
CA VAL B 109 -12.34 -33.69 -6.32
C VAL B 109 -13.48 -32.72 -6.58
N TYR B 110 -13.32 -31.44 -6.24
CA TYR B 110 -14.37 -30.45 -6.42
C TYR B 110 -13.93 -29.29 -7.33
N VAL B 111 -14.85 -28.34 -7.61
CA VAL B 111 -14.46 -27.13 -8.31
C VAL B 111 -13.72 -26.28 -7.26
N TYR B 112 -12.51 -25.81 -7.62
CA TYR B 112 -11.72 -25.02 -6.69
C TYR B 112 -12.45 -23.71 -6.33
N MET B 113 -12.50 -23.34 -5.04
CA MET B 113 -13.13 -22.11 -4.58
C MET B 113 -12.08 -21.05 -4.37
N PRO B 114 -11.96 -20.09 -5.29
CA PRO B 114 -10.90 -19.09 -5.20
C PRO B 114 -10.69 -18.40 -3.86
N ASN B 115 -11.76 -18.15 -3.12
CA ASN B 115 -11.65 -17.43 -1.86
C ASN B 115 -11.77 -18.31 -0.63
N GLY B 116 -11.30 -19.55 -0.73
CA GLY B 116 -11.27 -20.49 0.39
C GLY B 116 -12.49 -20.57 1.27
N SER B 117 -12.30 -20.69 2.60
CA SER B 117 -13.39 -20.82 3.56
C SER B 117 -13.74 -19.51 4.25
N LEU B 118 -15.00 -19.36 4.70
CA LEU B 118 -15.43 -18.17 5.42
C LEU B 118 -14.58 -17.96 6.69
N LEU B 119 -14.23 -19.06 7.35
CA LEU B 119 -13.39 -19.04 8.54
C LEU B 119 -12.04 -18.37 8.25
N ASP B 120 -11.37 -18.79 7.15
CA ASP B 120 -10.08 -18.22 6.78
C ASP B 120 -10.18 -16.77 6.39
N ARG B 121 -11.28 -16.38 5.72
CA ARG B 121 -11.44 -14.99 5.31
C ARG B 121 -11.74 -14.08 6.49
N LEU B 122 -12.49 -14.59 7.50
CA LEU B 122 -12.77 -13.80 8.68
C LEU B 122 -11.48 -13.58 9.48
N SER B 123 -10.58 -14.59 9.51
CA SER B 123 -9.29 -14.50 10.20
C SER B 123 -8.22 -13.80 9.37
N CYS B 124 -8.51 -13.46 8.08
CA CYS B 124 -7.58 -12.87 7.12
C CYS B 124 -6.34 -13.73 6.95
N LEU B 125 -6.51 -15.04 6.89
CA LEU B 125 -5.41 -15.97 6.76
C LEU B 125 -4.66 -15.75 5.46
N ASP B 126 -3.32 -15.88 5.46
CA ASP B 126 -2.47 -15.72 4.26
C ASP B 126 -2.55 -14.32 3.62
N GLY B 127 -2.88 -13.34 4.44
CA GLY B 127 -2.86 -11.93 4.11
C GLY B 127 -4.03 -11.38 3.37
N THR B 128 -5.13 -12.13 3.29
CA THR B 128 -6.29 -11.63 2.56
C THR B 128 -6.91 -10.42 3.29
N PRO B 129 -7.42 -9.43 2.55
CA PRO B 129 -8.02 -8.26 3.23
C PRO B 129 -9.34 -8.61 3.91
N PRO B 130 -9.71 -7.85 4.95
CA PRO B 130 -10.95 -8.15 5.68
C PRO B 130 -12.21 -8.00 4.83
N LEU B 131 -13.19 -8.90 5.02
CA LEU B 131 -14.45 -8.81 4.32
C LEU B 131 -15.22 -7.60 4.82
N SER B 132 -15.82 -6.84 3.92
CA SER B 132 -16.65 -5.71 4.29
C SER B 132 -17.97 -6.21 4.90
N TRP B 133 -18.74 -5.30 5.50
CA TRP B 133 -20.05 -5.63 6.03
C TRP B 133 -20.98 -6.03 4.92
N HIS B 134 -20.93 -5.31 3.80
CA HIS B 134 -21.74 -5.60 2.61
C HIS B 134 -21.47 -7.01 2.10
N MET B 135 -20.19 -7.42 2.04
CA MET B 135 -19.88 -8.76 1.56
CA MET B 135 -19.79 -8.76 1.60
C MET B 135 -20.28 -9.81 2.59
N ARG B 136 -20.18 -9.50 3.88
CA ARG B 136 -20.59 -10.42 4.94
C ARG B 136 -22.10 -10.68 4.89
N CYS B 137 -22.89 -9.67 4.53
CA CYS B 137 -24.34 -9.83 4.42
C CYS B 137 -24.68 -10.76 3.26
N LYS B 138 -24.01 -10.58 2.12
CA LYS B 138 -24.20 -11.41 0.94
C LYS B 138 -23.88 -12.87 1.27
N ILE B 139 -22.82 -13.10 2.03
CA ILE B 139 -22.41 -14.44 2.39
C ILE B 139 -23.45 -15.07 3.30
N ALA B 140 -23.93 -14.33 4.31
CA ALA B 140 -24.95 -14.81 5.24
C ALA B 140 -26.22 -15.25 4.51
N GLN B 141 -26.72 -14.42 3.58
CA GLN B 141 -27.91 -14.74 2.80
C GLN B 141 -27.66 -15.96 1.94
N GLY B 142 -26.49 -16.04 1.33
CA GLY B 142 -26.10 -17.17 0.50
C GLY B 142 -26.05 -18.47 1.27
N ALA B 143 -25.48 -18.46 2.46
CA ALA B 143 -25.39 -19.65 3.32
C ALA B 143 -26.78 -20.11 3.74
N ALA B 144 -27.69 -19.15 4.03
CA ALA B 144 -29.09 -19.44 4.39
C ALA B 144 -29.82 -20.10 3.23
N ASN B 145 -29.52 -19.66 2.00
CA ASN B 145 -30.13 -20.24 0.81
C ASN B 145 -29.67 -21.68 0.61
N GLY B 146 -28.40 -21.94 0.90
CA GLY B 146 -27.81 -23.27 0.79
C GLY B 146 -28.40 -24.21 1.82
N ILE B 147 -28.55 -23.74 3.06
CA ILE B 147 -29.18 -24.54 4.11
C ILE B 147 -30.65 -24.77 3.78
N ASN B 148 -31.34 -23.75 3.28
CA ASN B 148 -32.74 -23.87 2.89
C ASN B 148 -32.93 -24.95 1.83
N PHE B 149 -32.01 -25.03 0.85
CA PHE B 149 -32.10 -26.05 -0.19
C PHE B 149 -31.93 -27.43 0.42
N LEU B 150 -30.98 -27.59 1.35
CA LEU B 150 -30.76 -28.87 2.01
C LEU B 150 -32.02 -29.30 2.78
N HIS B 151 -32.61 -28.38 3.57
CA HIS B 151 -33.80 -28.65 4.37
C HIS B 151 -35.05 -28.89 3.52
N GLU B 152 -35.20 -28.14 2.40
CA GLU B 152 -36.30 -28.30 1.44
C GLU B 152 -36.24 -29.72 0.87
N ASN B 153 -35.01 -30.21 0.60
CA ASN B 153 -34.73 -31.55 0.11
C ASN B 153 -34.50 -32.60 1.20
N HIS B 154 -35.00 -32.33 2.42
CA HIS B 154 -34.98 -33.21 3.58
C HIS B 154 -33.60 -33.76 3.96
N HIS B 155 -32.63 -32.86 4.12
CA HIS B 155 -31.29 -33.24 4.55
C HIS B 155 -30.85 -32.34 5.70
N ILE B 156 -30.24 -32.94 6.72
CA ILE B 156 -29.71 -32.23 7.88
C ILE B 156 -28.20 -32.27 7.69
N HIS B 157 -27.55 -31.10 7.54
CA HIS B 157 -26.10 -31.02 7.33
C HIS B 157 -25.28 -31.64 8.47
N ARG B 158 -25.62 -31.29 9.72
CA ARG B 158 -25.00 -31.78 10.95
C ARG B 158 -23.63 -31.14 11.27
N ASP B 159 -23.08 -30.30 10.40
CA ASP B 159 -21.80 -29.66 10.69
C ASP B 159 -21.70 -28.25 10.06
N ILE B 160 -22.73 -27.42 10.29
CA ILE B 160 -22.73 -26.06 9.79
C ILE B 160 -21.75 -25.27 10.62
N LYS B 161 -20.71 -24.75 9.97
CA LYS B 161 -19.67 -23.96 10.58
C LYS B 161 -18.98 -23.16 9.51
N SER B 162 -18.33 -22.04 9.89
CA SER B 162 -17.69 -21.18 8.91
C SER B 162 -16.57 -21.85 8.12
N ALA B 163 -15.95 -22.90 8.66
CA ALA B 163 -14.92 -23.65 7.93
C ALA B 163 -15.53 -24.44 6.76
N ASN B 164 -16.86 -24.77 6.84
CA ASN B 164 -17.63 -25.48 5.84
C ASN B 164 -18.48 -24.56 4.95
N ILE B 165 -18.19 -23.25 4.95
CA ILE B 165 -18.89 -22.33 4.05
C ILE B 165 -17.80 -21.77 3.16
N LEU B 166 -17.68 -22.27 1.94
CA LEU B 166 -16.64 -21.82 1.02
C LEU B 166 -17.09 -20.63 0.20
N LEU B 167 -16.14 -19.93 -0.41
CA LEU B 167 -16.42 -18.72 -1.16
C LEU B 167 -15.83 -18.80 -2.59
N ASP B 168 -16.69 -18.70 -3.61
CA ASP B 168 -16.21 -18.81 -5.00
C ASP B 168 -15.57 -17.51 -5.54
N GLU B 169 -15.33 -17.45 -6.86
CA GLU B 169 -14.76 -16.30 -7.54
C GLU B 169 -15.54 -15.00 -7.32
N ALA B 170 -16.81 -15.07 -6.89
CA ALA B 170 -17.60 -13.86 -6.67
C ALA B 170 -18.12 -13.75 -5.23
N PHE B 171 -17.41 -14.37 -4.25
CA PHE B 171 -17.74 -14.47 -2.82
C PHE B 171 -19.13 -15.01 -2.54
N THR B 172 -19.59 -15.93 -3.40
CA THR B 172 -20.87 -16.57 -3.20
C THR B 172 -20.65 -17.67 -2.17
N ALA B 173 -21.49 -17.72 -1.13
CA ALA B 173 -21.35 -18.74 -0.11
C ALA B 173 -21.73 -20.11 -0.63
N LYS B 174 -20.91 -21.10 -0.38
CA LYS B 174 -21.18 -22.46 -0.82
C LYS B 174 -20.97 -23.46 0.30
N ILE B 175 -22.06 -24.09 0.80
CA ILE B 175 -21.98 -25.06 1.88
C ILE B 175 -21.23 -26.30 1.39
N SER B 176 -20.27 -26.80 2.18
CA SER B 176 -19.46 -27.97 1.85
C SER B 176 -19.50 -29.03 2.99
N ASP B 177 -18.78 -30.17 2.82
CA ASP B 177 -18.71 -31.26 3.79
C ASP B 177 -20.09 -31.82 4.15
N PHE B 178 -20.54 -32.79 3.36
CA PHE B 178 -21.81 -33.48 3.53
C PHE B 178 -21.56 -34.96 3.86
N GLY B 179 -20.49 -35.24 4.62
CA GLY B 179 -20.15 -36.60 5.04
C GLY B 179 -21.03 -37.09 6.18
N LEU B 180 -21.63 -36.15 6.92
CA LEU B 180 -22.50 -36.47 8.03
C LEU B 180 -23.96 -36.15 7.76
N ALA B 181 -24.29 -35.55 6.59
CA ALA B 181 -25.68 -35.22 6.26
C ALA B 181 -26.66 -36.41 6.41
N ARG B 182 -27.85 -36.15 6.97
CA ARG B 182 -28.83 -37.20 7.23
C ARG B 182 -30.17 -36.87 6.59
N VAL B 191 -35.75 -37.80 16.82
CA VAL B 191 -34.78 -38.73 16.23
C VAL B 191 -33.45 -38.74 17.00
N MET B 192 -33.01 -39.92 17.45
CA MET B 192 -31.78 -40.04 18.24
C MET B 192 -30.65 -40.83 17.54
N TPO B 193 -29.43 -40.76 18.10
CA TPO B 193 -28.25 -41.48 17.62
CB TPO B 193 -27.53 -40.84 16.40
CG2 TPO B 193 -26.93 -39.47 16.75
OG1 TPO B 193 -26.42 -41.64 15.91
P TPO B 193 -26.62 -42.71 14.78
O1P TPO B 193 -27.86 -42.47 13.94
O2P TPO B 193 -25.42 -42.64 13.84
O3P TPO B 193 -26.65 -44.09 15.44
C TPO B 193 -27.24 -41.72 18.76
O TPO B 193 -27.18 -40.95 19.72
N SEP B 194 -26.44 -42.79 18.65
CA SEP B 194 -25.40 -43.11 19.64
CB SEP B 194 -25.10 -44.63 19.72
OG SEP B 194 -24.71 -45.13 18.43
C SEP B 194 -24.06 -42.46 19.25
O SEP B 194 -23.29 -42.06 20.12
P SEP B 194 -25.06 -46.64 18.31
O1P SEP B 194 -26.29 -47.05 19.14
O2P SEP B 194 -25.23 -46.98 16.86
O3P SEP B 194 -23.88 -47.42 18.86
N ARG B 195 -23.81 -42.33 17.93
CA ARG B 195 -22.60 -41.69 17.42
C ARG B 195 -22.85 -40.22 17.17
N ILE B 196 -22.56 -39.39 18.18
CA ILE B 196 -22.72 -37.94 18.10
C ILE B 196 -21.56 -37.30 17.36
N VAL B 197 -21.86 -36.63 16.24
CA VAL B 197 -20.83 -35.99 15.41
C VAL B 197 -21.12 -34.50 15.16
N GLY B 198 -20.05 -33.74 14.95
CA GLY B 198 -20.13 -32.31 14.73
C GLY B 198 -19.07 -31.55 15.51
N THR B 199 -19.03 -30.22 15.35
CA THR B 199 -18.03 -29.39 16.03
C THR B 199 -18.62 -28.78 17.28
N THR B 200 -18.12 -29.19 18.46
CA THR B 200 -18.62 -28.76 19.77
C THR B 200 -19.00 -27.27 19.88
N ALA B 201 -18.08 -26.38 19.44
CA ALA B 201 -18.26 -24.94 19.53
C ALA B 201 -19.49 -24.40 18.79
N TYR B 202 -20.05 -25.18 17.86
CA TYR B 202 -21.20 -24.79 17.05
C TYR B 202 -22.46 -25.56 17.40
N MET B 203 -22.32 -26.79 17.90
CA MET B 203 -23.44 -27.66 18.16
C MET B 203 -24.51 -27.07 19.07
N ALA B 204 -25.75 -27.43 18.78
CA ALA B 204 -26.91 -27.07 19.59
C ALA B 204 -26.90 -27.94 20.86
N PRO B 205 -27.56 -27.52 21.96
CA PRO B 205 -27.55 -28.35 23.16
C PRO B 205 -28.09 -29.77 22.91
N GLU B 206 -29.23 -29.89 22.21
CA GLU B 206 -29.81 -31.20 21.93
C GLU B 206 -28.98 -32.03 20.95
N ALA B 207 -28.20 -31.41 20.05
CA ALA B 207 -27.33 -32.13 19.11
C ALA B 207 -26.21 -32.82 19.90
N LEU B 208 -25.62 -32.09 20.87
CA LEU B 208 -24.57 -32.60 21.78
C LEU B 208 -25.07 -33.77 22.61
N ARG B 209 -26.40 -33.93 22.76
CA ARG B 209 -27.04 -35.00 23.49
C ARG B 209 -27.47 -36.19 22.64
N GLY B 210 -27.32 -36.10 21.31
CA GLY B 210 -27.66 -37.21 20.43
C GLY B 210 -28.85 -37.00 19.51
N GLU B 211 -29.55 -35.86 19.60
CA GLU B 211 -30.69 -35.60 18.73
C GLU B 211 -30.28 -35.18 17.32
N ILE B 212 -30.95 -35.72 16.30
CA ILE B 212 -30.69 -35.34 14.92
C ILE B 212 -31.92 -34.56 14.42
N THR B 213 -31.83 -33.22 14.34
CA THR B 213 -32.96 -32.40 13.89
C THR B 213 -32.49 -31.22 13.04
N PRO B 214 -33.25 -30.82 12.00
CA PRO B 214 -32.85 -29.63 11.24
C PRO B 214 -32.81 -28.36 12.10
N LYS B 215 -33.46 -28.37 13.29
CA LYS B 215 -33.42 -27.24 14.23
C LYS B 215 -31.97 -27.05 14.81
N SER B 216 -31.16 -28.12 14.83
CA SER B 216 -29.77 -28.05 15.30
C SER B 216 -28.93 -27.28 14.27
N ASP B 217 -29.21 -27.46 12.96
CA ASP B 217 -28.54 -26.77 11.87
C ASP B 217 -28.77 -25.24 12.00
N ILE B 218 -29.97 -24.83 12.44
CA ILE B 218 -30.33 -23.43 12.66
C ILE B 218 -29.45 -22.83 13.79
N TYR B 219 -29.29 -23.57 14.90
CA TYR B 219 -28.43 -23.14 16.01
C TYR B 219 -27.02 -22.91 15.55
N SER B 220 -26.46 -23.87 14.79
CA SER B 220 -25.12 -23.77 14.25
C SER B 220 -24.96 -22.56 13.32
N PHE B 221 -26.02 -22.24 12.56
CA PHE B 221 -26.05 -21.07 11.68
C PHE B 221 -26.01 -19.77 12.49
N GLY B 222 -26.65 -19.76 13.67
CA GLY B 222 -26.61 -18.63 14.57
C GLY B 222 -25.18 -18.33 15.03
N VAL B 223 -24.37 -19.39 15.24
CA VAL B 223 -22.96 -19.25 15.62
C VAL B 223 -22.16 -18.68 14.46
N VAL B 224 -22.47 -19.11 13.23
CA VAL B 224 -21.83 -18.56 12.04
C VAL B 224 -22.16 -17.05 11.92
N LEU B 225 -23.42 -16.65 12.19
CA LEU B 225 -23.79 -15.23 12.16
C LEU B 225 -22.98 -14.43 13.18
N LEU B 226 -22.77 -14.98 14.39
CA LEU B 226 -21.95 -14.29 15.38
C LEU B 226 -20.51 -14.16 14.90
N GLU B 227 -19.98 -15.20 14.25
CA GLU B 227 -18.64 -15.14 13.69
C GLU B 227 -18.53 -14.05 12.64
N ILE B 228 -19.55 -13.91 11.80
CA ILE B 228 -19.60 -12.90 10.74
C ILE B 228 -19.64 -11.49 11.37
N ILE B 229 -20.49 -11.30 12.40
CA ILE B 229 -20.60 -9.99 13.06
C ILE B 229 -19.31 -9.58 13.79
N THR B 230 -18.74 -10.50 14.56
CA THR B 230 -17.58 -10.22 15.40
C THR B 230 -16.21 -10.46 14.78
N GLY B 231 -16.13 -11.35 13.80
CA GLY B 231 -14.85 -11.74 13.22
C GLY B 231 -14.04 -12.68 14.10
N LEU B 232 -14.62 -13.11 15.23
CA LEU B 232 -13.99 -13.99 16.18
C LEU B 232 -14.33 -15.44 15.87
N PRO B 233 -13.37 -16.37 15.98
CA PRO B 233 -13.69 -17.79 15.75
C PRO B 233 -14.65 -18.33 16.83
N ALA B 234 -15.44 -19.37 16.54
CA ALA B 234 -16.39 -19.91 17.52
C ALA B 234 -15.73 -20.39 18.82
N VAL B 235 -14.48 -20.83 18.72
CA VAL B 235 -13.72 -21.24 19.89
C VAL B 235 -12.29 -20.71 19.76
N ASP B 236 -11.76 -20.21 20.88
CA ASP B 236 -10.40 -19.67 20.95
C ASP B 236 -9.96 -19.94 22.37
N GLU B 237 -8.97 -20.82 22.54
CA GLU B 237 -8.51 -21.17 23.88
C GLU B 237 -7.77 -20.04 24.61
N HIS B 238 -7.22 -19.05 23.87
CA HIS B 238 -6.54 -17.93 24.50
C HIS B 238 -7.48 -16.74 24.46
N ARG B 239 -8.72 -16.92 24.90
CA ARG B 239 -9.72 -15.85 24.86
C ARG B 239 -10.72 -15.94 26.01
N GLU B 240 -11.29 -14.80 26.41
CA GLU B 240 -12.31 -14.77 27.44
C GLU B 240 -13.55 -14.02 26.93
N PRO B 241 -14.68 -14.71 26.70
CA PRO B 241 -14.91 -16.16 26.85
C PRO B 241 -14.31 -17.01 25.73
N GLN B 242 -13.97 -18.27 25.99
CA GLN B 242 -13.42 -19.14 24.95
C GLN B 242 -14.47 -19.51 23.92
N LEU B 243 -15.75 -19.66 24.34
CA LEU B 243 -16.83 -19.97 23.41
C LEU B 243 -17.57 -18.73 22.99
N LEU B 244 -17.58 -18.46 21.69
CA LEU B 244 -18.24 -17.30 21.10
C LEU B 244 -19.72 -17.20 21.48
N LEU B 245 -20.47 -18.34 21.49
CA LEU B 245 -21.90 -18.27 21.83
C LEU B 245 -22.14 -17.79 23.29
N ASP B 246 -21.08 -17.74 24.14
CA ASP B 246 -21.21 -17.20 25.49
C ASP B 246 -21.46 -15.68 25.45
N ILE B 247 -21.08 -14.98 24.34
CA ILE B 247 -21.30 -13.55 24.23
C ILE B 247 -22.80 -13.21 24.15
N LYS B 248 -23.66 -14.13 23.65
CA LYS B 248 -25.11 -13.93 23.62
C LYS B 248 -25.64 -13.64 25.05
N GLU B 249 -25.07 -14.35 26.05
CA GLU B 249 -25.44 -14.17 27.45
C GLU B 249 -24.86 -12.90 28.04
N GLU B 250 -23.65 -12.52 27.61
CA GLU B 250 -23.02 -11.27 28.05
C GLU B 250 -23.81 -10.04 27.59
N ILE B 251 -24.39 -10.11 26.38
CA ILE B 251 -25.22 -9.07 25.82
C ILE B 251 -26.59 -9.05 26.49
N GLU B 252 -27.20 -10.23 26.66
CA GLU B 252 -28.51 -10.34 27.31
C GLU B 252 -28.48 -9.90 28.77
N ASP B 253 -27.39 -10.19 29.49
CA ASP B 253 -27.25 -9.74 30.87
C ASP B 253 -26.73 -8.29 30.98
N GLU B 254 -26.75 -7.53 29.84
CA GLU B 254 -26.36 -6.14 29.63
C GLU B 254 -24.96 -5.78 30.15
N GLU B 255 -24.08 -6.78 30.27
CA GLU B 255 -22.68 -6.57 30.68
C GLU B 255 -21.92 -5.93 29.50
N LYS B 256 -22.20 -6.41 28.28
CA LYS B 256 -21.64 -5.91 27.04
C LYS B 256 -22.81 -5.62 26.04
N THR B 257 -22.51 -4.88 24.97
CA THR B 257 -23.47 -4.59 23.90
C THR B 257 -22.94 -5.24 22.60
N ILE B 258 -23.80 -5.36 21.56
CA ILE B 258 -23.34 -5.90 20.28
C ILE B 258 -22.27 -4.99 19.68
N GLU B 259 -22.38 -3.67 19.90
CA GLU B 259 -21.42 -2.69 19.44
C GLU B 259 -20.02 -3.01 19.94
N ASP B 260 -19.91 -3.44 21.21
CA ASP B 260 -18.63 -3.81 21.81
C ASP B 260 -17.95 -4.98 21.11
N TYR B 261 -18.72 -5.86 20.46
CA TYR B 261 -18.16 -7.04 19.82
C TYR B 261 -18.07 -6.97 18.31
N ILE B 262 -18.65 -5.94 17.64
CA ILE B 262 -18.56 -5.81 16.17
C ILE B 262 -17.12 -5.87 15.69
N ASP B 263 -16.86 -6.57 14.57
CA ASP B 263 -15.51 -6.68 14.03
C ASP B 263 -14.96 -5.31 13.69
N LYS B 264 -13.87 -4.91 14.35
CA LYS B 264 -13.24 -3.63 14.08
C LYS B 264 -12.53 -3.57 12.71
N LYS B 265 -12.40 -4.71 12.00
CA LYS B 265 -11.78 -4.75 10.68
C LYS B 265 -12.78 -4.45 9.55
N MET B 266 -13.78 -3.61 9.84
CA MET B 266 -14.81 -3.17 8.91
C MET B 266 -15.00 -1.68 9.06
N ASN B 267 -15.15 -0.96 7.96
CA ASN B 267 -15.47 0.45 8.04
C ASN B 267 -16.91 0.76 7.62
N ASP B 268 -17.64 -0.20 7.05
CA ASP B 268 -18.99 -0.01 6.52
C ASP B 268 -20.11 -0.68 7.28
N ALA B 269 -19.84 -1.14 8.50
CA ALA B 269 -20.86 -1.80 9.31
C ALA B 269 -21.74 -0.75 10.01
N ASP B 270 -23.02 -0.65 9.62
CA ASP B 270 -23.95 0.28 10.27
C ASP B 270 -24.69 -0.45 11.40
N SER B 271 -24.96 0.26 12.48
CA SER B 271 -25.61 -0.31 13.66
C SER B 271 -26.95 -0.98 13.41
N THR B 272 -27.79 -0.41 12.55
CA THR B 272 -29.12 -0.95 12.27
C THR B 272 -29.05 -2.35 11.67
N SER B 273 -28.24 -2.54 10.61
CA SER B 273 -28.12 -3.85 9.94
C SER B 273 -27.33 -4.84 10.80
N VAL B 274 -26.37 -4.35 11.60
CA VAL B 274 -25.63 -5.23 12.49
C VAL B 274 -26.57 -5.79 13.57
N GLU B 275 -27.44 -4.93 14.12
CA GLU B 275 -28.43 -5.34 15.12
C GLU B 275 -29.50 -6.24 14.52
N ALA B 276 -29.82 -6.05 13.23
CA ALA B 276 -30.79 -6.89 12.54
C ALA B 276 -30.22 -8.29 12.41
N MET B 277 -28.92 -8.42 12.04
CA MET B 277 -28.26 -9.72 11.92
C MET B 277 -28.06 -10.37 13.29
N TYR B 278 -27.76 -9.56 14.33
CA TYR B 278 -27.63 -10.10 15.67
C TYR B 278 -28.97 -10.62 16.16
N SER B 279 -30.09 -9.95 15.83
CA SER B 279 -31.42 -10.44 16.22
C SER B 279 -31.69 -11.82 15.64
N VAL B 280 -31.28 -12.07 14.39
CA VAL B 280 -31.44 -13.37 13.74
C VAL B 280 -30.59 -14.40 14.49
N ALA B 281 -29.29 -14.06 14.77
CA ALA B 281 -28.36 -14.94 15.49
C ALA B 281 -28.93 -15.32 16.85
N SER B 282 -29.50 -14.34 17.56
CA SER B 282 -30.09 -14.53 18.88
C SER B 282 -31.26 -15.50 18.80
N GLN B 283 -32.09 -15.39 17.75
CA GLN B 283 -33.23 -16.28 17.55
C GLN B 283 -32.78 -17.68 17.23
N CYS B 284 -31.74 -17.82 16.41
CA CYS B 284 -31.19 -19.12 16.05
C CYS B 284 -30.57 -19.81 17.26
N LEU B 285 -30.01 -19.05 18.23
CA LEU B 285 -29.35 -19.59 19.41
C LEU B 285 -30.25 -19.78 20.62
N HIS B 286 -31.57 -19.89 20.40
CA HIS B 286 -32.49 -20.17 21.49
C HIS B 286 -32.22 -21.60 21.97
N GLU B 287 -32.15 -21.80 23.28
CA GLU B 287 -31.83 -23.12 23.85
C GLU B 287 -32.91 -24.19 23.57
N LYS B 288 -34.16 -23.76 23.46
CA LYS B 288 -35.27 -24.65 23.13
C LYS B 288 -35.33 -24.77 21.61
N LYS B 289 -35.16 -25.99 21.07
CA LYS B 289 -35.17 -26.22 19.62
C LYS B 289 -36.46 -25.74 18.95
N ASN B 290 -37.60 -25.86 19.64
CA ASN B 290 -38.88 -25.46 19.10
C ASN B 290 -39.10 -23.95 19.07
N LYS B 291 -38.33 -23.19 19.85
CA LYS B 291 -38.46 -21.73 19.85
C LYS B 291 -37.67 -21.07 18.69
N ARG B 292 -36.66 -21.77 18.16
CA ARG B 292 -35.85 -21.30 17.05
C ARG B 292 -36.69 -21.17 15.78
N PRO B 293 -36.37 -20.20 14.90
CA PRO B 293 -37.11 -20.10 13.64
C PRO B 293 -36.67 -21.14 12.61
N ASP B 294 -37.54 -21.50 11.66
CA ASP B 294 -37.15 -22.42 10.59
C ASP B 294 -36.28 -21.69 9.56
N ILE B 295 -35.58 -22.44 8.68
CA ILE B 295 -34.66 -21.83 7.72
C ILE B 295 -35.33 -20.84 6.77
N LYS B 296 -36.61 -21.06 6.39
CA LYS B 296 -37.32 -20.11 5.51
C LYS B 296 -37.50 -18.75 6.22
N LYS B 297 -37.71 -18.76 7.53
CA LYS B 297 -37.85 -17.54 8.31
C LYS B 297 -36.50 -16.84 8.44
N VAL B 298 -35.43 -17.60 8.67
CA VAL B 298 -34.07 -17.06 8.76
C VAL B 298 -33.70 -16.37 7.44
N GLN B 299 -34.01 -17.03 6.33
CA GLN B 299 -33.78 -16.56 4.98
C GLN B 299 -34.56 -15.27 4.72
N GLN B 300 -35.81 -15.21 5.21
CA GLN B 300 -36.70 -14.07 5.10
C GLN B 300 -36.18 -12.88 5.91
N LEU B 301 -35.69 -13.13 7.13
CA LEU B 301 -35.17 -12.07 7.98
C LEU B 301 -33.87 -11.48 7.41
N LEU B 302 -32.99 -12.32 6.84
CA LEU B 302 -31.72 -11.89 6.27
C LEU B 302 -31.95 -11.05 5.00
N GLN B 303 -33.03 -11.31 4.23
CA GLN B 303 -33.33 -10.49 3.06
C GLN B 303 -33.93 -9.14 3.52
N GLU B 304 -34.75 -9.14 4.60
CA GLU B 304 -35.35 -7.92 5.14
C GLU B 304 -34.30 -6.96 5.64
N MET B 305 -33.21 -7.48 6.20
CA MET B 305 -32.04 -6.77 6.74
C MET B 305 -31.40 -5.85 5.71
N THR B 306 -31.45 -6.22 4.42
CA THR B 306 -30.87 -5.44 3.35
C THR B 306 -31.95 -4.76 2.51
N ARG C 12 10.54 28.46 14.61
CA ARG C 12 10.83 27.73 13.36
C ARG C 12 9.64 26.78 12.87
N PHE C 13 8.52 26.78 13.62
CA PHE C 13 7.24 26.14 13.34
C PHE C 13 6.19 27.24 13.17
N HIS C 14 5.08 26.97 12.47
CA HIS C 14 4.03 27.98 12.29
C HIS C 14 3.15 28.10 13.53
N SER C 15 2.95 29.32 13.99
CA SER C 15 2.11 29.57 15.16
C SER C 15 0.71 29.88 14.65
N PHE C 16 -0.17 28.89 14.71
CA PHE C 16 -1.55 29.05 14.25
C PHE C 16 -2.40 29.65 15.34
N SER C 17 -3.37 30.52 15.00
CA SER C 17 -4.32 30.96 16.01
C SER C 17 -5.29 29.77 16.17
N PHE C 18 -5.77 29.49 17.38
CA PHE C 18 -6.72 28.37 17.60
C PHE C 18 -7.93 28.41 16.63
N TYR C 19 -8.27 29.63 16.18
CA TYR C 19 -9.36 29.95 15.28
C TYR C 19 -9.08 29.45 13.86
N GLU C 20 -7.79 29.44 13.43
CA GLU C 20 -7.37 28.91 12.12
C GLU C 20 -7.64 27.40 12.15
N LEU C 21 -7.19 26.71 13.22
CA LEU C 21 -7.33 25.27 13.36
C LEU C 21 -8.75 24.76 13.52
N LYS C 22 -9.68 25.65 13.88
CA LYS C 22 -11.09 25.27 13.92
C LYS C 22 -11.56 25.21 12.46
N ASN C 23 -11.20 26.21 11.63
CA ASN C 23 -11.57 26.20 10.21
C ASN C 23 -11.01 24.99 9.49
N VAL C 24 -9.75 24.59 9.78
CA VAL C 24 -9.15 23.47 9.06
C VAL C 24 -9.77 22.12 9.43
N THR C 25 -10.30 21.99 10.64
CA THR C 25 -10.83 20.72 11.12
C THR C 25 -12.35 20.65 11.14
N ASN C 26 -13.05 21.61 10.48
CA ASN C 26 -14.52 21.65 10.41
C ASN C 26 -15.09 21.73 11.84
N ASN C 27 -14.53 22.70 12.60
CA ASN C 27 -14.72 23.04 14.01
C ASN C 27 -14.54 21.81 14.91
N PHE C 28 -13.37 21.15 14.76
CA PHE C 28 -12.96 19.96 15.50
C PHE C 28 -14.03 18.90 15.56
N ASP C 29 -14.55 18.51 14.38
CA ASP C 29 -15.60 17.52 14.23
C ASP C 29 -15.17 16.16 14.79
N GLU C 30 -15.77 15.76 15.91
CA GLU C 30 -15.38 14.55 16.61
C GLU C 30 -16.08 13.27 16.10
N ARG C 31 -16.54 13.22 14.84
CA ARG C 31 -17.12 11.99 14.28
C ARG C 31 -16.13 11.34 13.29
N PRO C 32 -16.08 10.00 13.21
CA PRO C 32 -15.00 9.36 12.44
C PRO C 32 -14.86 9.76 10.97
N ILE C 33 -13.71 9.42 10.35
CA ILE C 33 -13.40 9.70 8.95
C ILE C 33 -14.49 9.04 8.06
N SER C 34 -14.82 7.78 8.41
CA SER C 34 -15.77 6.92 7.72
C SER C 34 -17.18 7.49 7.65
N VAL C 35 -17.67 8.15 8.70
CA VAL C 35 -18.99 8.81 8.65
C VAL C 35 -18.93 10.22 7.97
N GLY C 36 -17.77 10.57 7.36
CA GLY C 36 -17.53 11.88 6.79
C GLY C 36 -17.29 12.86 7.93
N GLY C 37 -16.24 12.59 8.69
CA GLY C 37 -15.90 13.41 9.84
C GLY C 37 -14.41 13.70 9.93
N ASN C 38 -13.97 14.26 11.07
CA ASN C 38 -12.56 14.64 11.20
C ASN C 38 -11.78 13.84 12.22
N LYS C 39 -12.44 13.25 13.22
CA LYS C 39 -11.75 12.47 14.25
C LYS C 39 -11.08 11.25 13.66
N MET C 40 -9.75 11.18 13.74
CA MET C 40 -8.98 10.04 13.20
C MET C 40 -8.63 9.01 14.29
N GLY C 41 -8.48 9.47 15.52
CA GLY C 41 -8.11 8.59 16.62
C GLY C 41 -7.82 9.35 17.90
N GLU C 42 -7.43 8.62 18.95
CA GLU C 42 -7.23 9.23 20.25
C GLU C 42 -6.00 8.68 21.02
N GLY C 43 -5.83 9.14 22.27
CA GLY C 43 -4.81 8.72 23.22
C GLY C 43 -4.95 9.38 24.59
N GLY C 44 -4.03 9.02 25.49
CA GLY C 44 -3.97 9.63 26.83
C GLY C 44 -3.25 10.97 26.81
N PHE C 45 -3.33 11.64 25.66
CA PHE C 45 -2.72 12.90 25.34
C PHE C 45 -3.82 13.78 24.76
N GLY C 46 -4.51 13.29 23.74
CA GLY C 46 -5.57 14.04 23.12
C GLY C 46 -6.10 13.39 21.85
N VAL C 47 -6.99 14.11 21.16
CA VAL C 47 -7.63 13.60 19.95
C VAL C 47 -6.93 14.14 18.72
N VAL C 48 -6.62 13.26 17.77
CA VAL C 48 -6.01 13.65 16.50
C VAL C 48 -7.11 13.80 15.44
N TYR C 49 -7.18 14.96 14.81
CA TYR C 49 -8.18 15.24 13.77
C TYR C 49 -7.53 15.42 12.41
N LYS C 50 -8.29 15.22 11.32
CA LYS C 50 -7.76 15.45 9.98
C LYS C 50 -8.13 16.87 9.57
N GLY C 51 -7.24 17.49 8.82
CA GLY C 51 -7.44 18.86 8.37
C GLY C 51 -6.74 19.13 7.05
N TYR C 52 -6.98 20.30 6.49
CA TYR C 52 -6.32 20.72 5.27
C TYR C 52 -5.88 22.19 5.43
N VAL C 53 -4.58 22.46 5.51
CA VAL C 53 -4.05 23.83 5.59
C VAL C 53 -3.63 24.11 4.20
N ASN C 54 -4.48 24.80 3.47
CA ASN C 54 -4.32 25.06 2.04
C ASN C 54 -4.60 23.69 1.39
N ASN C 55 -3.64 23.15 0.60
CA ASN C 55 -3.81 21.80 0.08
C ASN C 55 -2.94 20.81 0.88
N THR C 56 -2.47 21.18 2.08
CA THR C 56 -1.63 20.32 2.88
C THR C 56 -2.47 19.53 3.88
N THR C 57 -2.53 18.18 3.72
CA THR C 57 -3.32 17.37 4.66
C THR C 57 -2.55 17.30 5.96
N VAL C 58 -3.21 17.65 7.07
CA VAL C 58 -2.53 17.68 8.37
C VAL C 58 -3.23 16.81 9.42
N ALA C 59 -2.51 16.49 10.51
CA ALA C 59 -3.04 15.81 11.68
C ALA C 59 -2.97 16.85 12.81
N VAL C 60 -4.12 17.35 13.27
CA VAL C 60 -4.18 18.34 14.33
C VAL C 60 -4.46 17.65 15.64
N LYS C 61 -3.48 17.58 16.53
CA LYS C 61 -3.66 16.91 17.82
C LYS C 61 -4.11 17.90 18.87
N LYS C 62 -5.36 17.81 19.33
CA LYS C 62 -5.86 18.70 20.36
C LYS C 62 -5.68 18.06 21.74
N LEU C 63 -4.77 18.62 22.55
CA LEU C 63 -4.46 18.08 23.88
C LEU C 63 -5.60 18.20 24.89
N ALA C 64 -5.88 17.10 25.58
CA ALA C 64 -6.90 16.98 26.61
C ALA C 64 -6.21 16.53 27.91
N ILE C 69 -2.60 14.40 35.89
CA ILE C 69 -2.17 15.27 34.79
C ILE C 69 -2.80 16.65 34.84
N THR C 70 -2.19 17.55 35.61
CA THR C 70 -2.69 18.91 35.75
C THR C 70 -2.38 19.81 34.51
N THR C 71 -2.92 21.04 34.48
CA THR C 71 -2.71 22.06 33.44
C THR C 71 -1.21 22.23 33.11
N GLU C 72 -0.35 22.68 34.07
CA GLU C 72 1.09 22.85 33.83
C GLU C 72 1.82 21.53 33.53
N GLU C 73 1.27 20.39 34.01
CA GLU C 73 1.83 19.08 33.73
C GLU C 73 1.63 18.78 32.23
N LEU C 74 0.42 19.07 31.70
CA LEU C 74 0.06 18.88 30.28
C LEU C 74 0.76 19.89 29.38
N LYS C 75 0.99 21.10 29.89
CA LYS C 75 1.68 22.15 29.15
C LYS C 75 3.17 21.80 29.07
N GLN C 76 3.78 21.21 30.13
CA GLN C 76 5.18 20.82 30.05
C GLN C 76 5.41 19.69 29.04
N GLN C 77 4.41 18.86 28.80
CA GLN C 77 4.49 17.83 27.78
C GLN C 77 4.40 18.49 26.38
N PHE C 78 3.54 19.52 26.23
CA PHE C 78 3.36 20.26 25.00
C PHE C 78 4.67 20.95 24.61
N ASP C 79 5.22 21.75 25.53
CA ASP C 79 6.48 22.47 25.36
C ASP C 79 7.64 21.54 25.08
N GLN C 80 7.59 20.29 25.61
CA GLN C 80 8.61 19.28 25.38
C GLN C 80 8.56 18.76 23.96
N GLU C 81 7.36 18.48 23.40
CA GLU C 81 7.25 18.01 22.02
C GLU C 81 7.82 19.04 21.03
N ILE C 82 7.51 20.32 21.24
CA ILE C 82 7.98 21.40 20.37
C ILE C 82 9.49 21.56 20.43
N LYS C 83 10.06 21.36 21.60
CA LYS C 83 11.49 21.44 21.81
C LYS C 83 12.17 20.32 21.07
N VAL C 84 11.75 19.07 21.28
CA VAL C 84 12.31 17.89 20.63
C VAL C 84 12.13 17.93 19.12
N MET C 85 11.06 18.55 18.62
CA MET C 85 10.87 18.66 17.17
C MET C 85 11.81 19.68 16.51
N ALA C 86 12.17 20.74 17.26
CA ALA C 86 13.06 21.76 16.73
C ALA C 86 14.47 21.21 16.55
N LYS C 87 14.89 20.36 17.50
CA LYS C 87 16.21 19.76 17.47
C LYS C 87 16.27 18.56 16.54
N CYS C 88 15.32 17.61 16.70
CA CYS C 88 15.33 16.37 15.95
C CYS C 88 14.47 16.39 14.68
N GLN C 89 15.14 16.42 13.53
CA GLN C 89 14.53 16.37 12.22
C GLN C 89 15.12 15.17 11.48
N HIS C 90 14.30 14.14 11.29
CA HIS C 90 14.74 12.94 10.61
C HIS C 90 13.58 12.34 9.82
N GLU C 91 13.88 11.54 8.79
CA GLU C 91 12.87 10.88 7.95
C GLU C 91 12.06 9.83 8.67
N ASN C 92 12.54 9.32 9.79
CA ASN C 92 11.81 8.33 10.56
C ASN C 92 11.24 8.92 11.83
N LEU C 93 10.97 10.23 11.84
CA LEU C 93 10.32 10.94 12.93
C LEU C 93 9.20 11.74 12.32
N VAL C 94 8.07 11.89 13.01
CA VAL C 94 6.97 12.70 12.48
C VAL C 94 7.40 14.18 12.33
N GLU C 95 6.71 14.92 11.46
CA GLU C 95 7.07 16.31 11.25
C GLU C 95 6.04 17.23 11.85
N LEU C 96 6.47 18.05 12.80
CA LEU C 96 5.60 19.03 13.41
C LEU C 96 5.62 20.25 12.50
N LEU C 97 4.46 20.70 12.07
CA LEU C 97 4.32 21.87 11.23
C LEU C 97 4.10 23.11 12.09
N GLY C 98 3.41 22.97 13.21
CA GLY C 98 3.18 24.09 14.09
C GLY C 98 2.38 23.74 15.32
N PHE C 99 1.79 24.78 15.91
CA PHE C 99 1.00 24.67 17.13
C PHE C 99 0.06 25.87 17.30
N SER C 100 -0.78 25.82 18.33
CA SER C 100 -1.68 26.87 18.79
C SER C 100 -1.66 26.70 20.30
N SER C 101 -1.27 27.73 21.06
CA SER C 101 -1.25 27.63 22.52
C SER C 101 -1.81 28.88 23.15
N ASP C 102 -2.90 29.41 22.58
CA ASP C 102 -3.56 30.60 23.12
C ASP C 102 -4.39 30.22 24.37
N GLY C 103 -3.75 30.33 25.53
CA GLY C 103 -4.33 29.96 26.82
C GLY C 103 -4.58 28.48 26.95
N ASP C 104 -5.71 28.11 27.59
CA ASP C 104 -6.15 26.71 27.73
C ASP C 104 -6.63 26.35 26.32
N ASP C 105 -6.04 25.29 25.72
CA ASP C 105 -6.32 24.79 24.37
C ASP C 105 -5.01 24.65 23.62
N LEU C 106 -4.30 23.55 23.87
CA LEU C 106 -3.05 23.29 23.19
C LEU C 106 -3.28 22.34 22.03
N CYS C 107 -2.77 22.71 20.87
CA CYS C 107 -2.88 21.93 19.64
C CYS C 107 -1.54 21.73 19.01
N LEU C 108 -1.36 20.62 18.30
CA LEU C 108 -0.11 20.32 17.63
C LEU C 108 -0.40 19.93 16.17
N VAL C 109 0.10 20.70 15.22
CA VAL C 109 -0.17 20.44 13.82
C VAL C 109 0.96 19.67 13.18
N TYR C 110 0.68 18.48 12.66
CA TYR C 110 1.71 17.64 12.03
C TYR C 110 1.38 17.35 10.58
N VAL C 111 2.28 16.61 9.89
CA VAL C 111 2.01 16.17 8.54
C VAL C 111 1.24 14.87 8.64
N TYR C 112 0.13 14.80 7.95
CA TYR C 112 -0.73 13.64 7.96
C TYR C 112 -0.05 12.37 7.41
N MET C 113 -0.16 11.26 8.15
CA MET C 113 0.40 9.97 7.78
C MET C 113 -0.69 9.10 7.20
N PRO C 114 -0.72 8.94 5.87
CA PRO C 114 -1.81 8.18 5.22
C PRO C 114 -2.17 6.81 5.79
N ASN C 115 -1.18 6.06 6.32
CA ASN C 115 -1.42 4.74 6.83
C ASN C 115 -1.45 4.65 8.35
N GLY C 116 -1.93 5.70 9.01
CA GLY C 116 -2.10 5.69 10.46
C GLY C 116 -0.98 5.16 11.32
N SER C 117 -1.32 4.42 12.40
CA SER C 117 -0.34 3.85 13.34
C SER C 117 -0.03 2.39 13.05
N LEU C 118 1.18 1.93 13.40
CA LEU C 118 1.59 0.53 13.22
C LEU C 118 0.64 -0.40 13.97
N LEU C 119 0.17 0.03 15.15
CA LEU C 119 -0.76 -0.72 15.96
C LEU C 119 -2.06 -1.01 15.17
N ASP C 120 -2.64 0.03 14.54
CA ASP C 120 -3.87 -0.13 13.79
C ASP C 120 -3.68 -0.97 12.57
N ARG C 121 -2.50 -0.88 11.93
CA ARG C 121 -2.25 -1.66 10.72
C ARG C 121 -2.03 -3.13 11.05
N LEU C 122 -1.40 -3.42 12.21
CA LEU C 122 -1.20 -4.79 12.60
C LEU C 122 -2.56 -5.46 12.93
N SER C 123 -3.49 -4.69 13.53
CA SER C 123 -4.84 -5.16 13.86
C SER C 123 -5.80 -5.12 12.65
N CYS C 124 -5.37 -4.52 11.51
CA CYS C 124 -6.18 -4.33 10.31
C CYS C 124 -7.44 -3.54 10.63
N LEU C 125 -7.31 -2.51 11.45
CA LEU C 125 -8.44 -1.68 11.85
C LEU C 125 -9.06 -0.99 10.64
N ASP C 126 -10.39 -0.85 10.61
CA ASP C 126 -11.12 -0.19 9.52
C ASP C 126 -10.95 -0.85 8.14
N GLY C 127 -10.61 -2.13 8.15
CA GLY C 127 -10.53 -2.94 6.95
C GLY C 127 -9.28 -2.85 6.13
N THR C 128 -8.22 -2.31 6.70
CA THR C 128 -6.97 -2.21 5.95
C THR C 128 -6.38 -3.60 5.76
N PRO C 129 -5.72 -3.84 4.62
CA PRO C 129 -5.15 -5.18 4.38
C PRO C 129 -3.94 -5.44 5.26
N PRO C 130 -3.66 -6.72 5.55
CA PRO C 130 -2.51 -7.04 6.41
C PRO C 130 -1.18 -6.64 5.82
N LEU C 131 -0.25 -6.15 6.65
CA LEU C 131 1.08 -5.77 6.17
C LEU C 131 1.83 -7.04 5.80
N SER C 132 2.52 -7.04 4.66
CA SER C 132 3.32 -8.20 4.27
C SER C 132 4.56 -8.28 5.15
N TRP C 133 5.28 -9.40 5.07
CA TRP C 133 6.52 -9.56 5.80
C TRP C 133 7.56 -8.57 5.30
N HIS C 134 7.65 -8.39 3.99
CA HIS C 134 8.56 -7.46 3.36
C HIS C 134 8.34 -6.04 3.86
N MET C 135 7.08 -5.62 3.96
CA MET C 135 6.78 -4.29 4.46
C MET C 135 7.04 -4.19 5.95
N ARG C 136 6.81 -5.26 6.72
CA ARG C 136 7.07 -5.27 8.14
C ARG C 136 8.57 -5.11 8.42
N CYS C 137 9.43 -5.67 7.55
CA CYS C 137 10.88 -5.54 7.71
C CYS C 137 11.30 -4.10 7.51
N LYS C 138 10.74 -3.45 6.49
CA LYS C 138 11.02 -2.06 6.17
C LYS C 138 10.61 -1.15 7.35
N ILE C 139 9.46 -1.46 7.97
CA ILE C 139 8.99 -0.66 9.08
C ILE C 139 9.92 -0.83 10.27
N ALA C 140 10.31 -2.06 10.58
CA ALA C 140 11.21 -2.34 11.69
C ALA C 140 12.54 -1.59 11.55
N GLN C 141 13.16 -1.61 10.34
CA GLN C 141 14.42 -0.92 10.08
C GLN C 141 14.21 0.58 10.21
N GLY C 142 13.11 1.09 9.68
CA GLY C 142 12.75 2.49 9.77
C GLY C 142 12.58 2.98 11.20
N ALA C 143 11.87 2.22 12.04
CA ALA C 143 11.67 2.57 13.43
C ALA C 143 13.01 2.60 14.20
N ALA C 144 13.93 1.63 13.88
CA ALA C 144 15.26 1.56 14.48
C ALA C 144 16.08 2.78 14.10
N ASN C 145 15.93 3.26 12.85
CA ASN C 145 16.63 4.45 12.40
C ASN C 145 16.16 5.68 13.14
N GLY C 146 14.85 5.75 13.40
CA GLY C 146 14.23 6.84 14.14
C GLY C 146 14.70 6.87 15.58
N ILE C 147 14.73 5.70 16.24
CA ILE C 147 15.23 5.61 17.62
C ILE C 147 16.70 5.92 17.65
N ASN C 148 17.48 5.44 16.67
CA ASN C 148 18.91 5.72 16.59
C ASN C 148 19.17 7.20 16.51
N PHE C 149 18.36 7.94 15.73
CA PHE C 149 18.53 9.37 15.61
C PHE C 149 18.25 10.04 16.96
N LEU C 150 17.19 9.63 17.66
CA LEU C 150 16.88 10.18 18.98
C LEU C 150 18.04 9.94 19.96
N HIS C 151 18.56 8.71 20.02
CA HIS C 151 19.67 8.33 20.91
C HIS C 151 20.99 9.01 20.54
N GLU C 152 21.26 9.16 19.23
CA GLU C 152 22.45 9.87 18.73
C GLU C 152 22.41 11.30 19.21
N ASN C 153 21.20 11.91 19.22
CA ASN C 153 20.92 13.26 19.70
C ASN C 153 20.57 13.34 21.19
N HIS C 154 20.96 12.32 21.96
CA HIS C 154 20.81 12.21 23.40
C HIS C 154 19.39 12.43 23.93
N HIS C 155 18.41 11.70 23.37
CA HIS C 155 17.04 11.78 23.84
C HIS C 155 16.50 10.39 24.07
N ILE C 156 15.81 10.20 25.20
CA ILE C 156 15.20 8.93 25.57
C ILE C 156 13.70 9.15 25.33
N HIS C 157 13.10 8.39 24.41
CA HIS C 157 11.70 8.55 24.06
C HIS C 157 10.76 8.31 25.23
N ARG C 158 10.97 7.20 25.98
CA ARG C 158 10.20 6.79 27.15
C ARG C 158 8.82 6.20 26.85
N ASP C 159 8.40 6.16 25.58
CA ASP C 159 7.10 5.57 25.25
C ASP C 159 7.09 4.93 23.86
N ILE C 160 8.12 4.11 23.57
CA ILE C 160 8.21 3.41 22.30
C ILE C 160 7.19 2.31 22.32
N LYS C 161 6.23 2.40 21.41
CA LYS C 161 5.15 1.44 21.25
C LYS C 161 4.58 1.55 19.87
N SER C 162 3.93 0.48 19.38
CA SER C 162 3.40 0.48 18.02
C SER C 162 2.36 1.57 17.76
N ALA C 163 1.64 2.04 18.79
CA ALA C 163 0.67 3.13 18.64
C ALA C 163 1.37 4.47 18.33
N ASN C 164 2.68 4.61 18.74
CA ASN C 164 3.53 5.78 18.50
C ASN C 164 4.47 5.61 17.29
N ILE C 165 4.23 4.62 16.41
CA ILE C 165 5.04 4.48 15.20
C ILE C 165 4.07 4.66 14.07
N LEU C 166 4.08 5.82 13.42
CA LEU C 166 3.15 6.09 12.34
C LEU C 166 3.69 5.65 10.98
N LEU C 167 2.83 5.54 9.97
CA LEU C 167 3.22 5.07 8.66
C LEU C 167 2.76 6.03 7.54
N ASP C 168 3.68 6.53 6.71
CA ASP C 168 3.30 7.41 5.62
C ASP C 168 2.73 6.60 4.42
N GLU C 169 2.60 7.23 3.21
CA GLU C 169 2.01 6.59 2.04
C GLU C 169 2.86 5.43 1.55
N ALA C 170 4.20 5.53 1.66
CA ALA C 170 5.07 4.41 1.26
C ALA C 170 5.42 3.46 2.42
N PHE C 171 4.69 3.58 3.56
CA PHE C 171 4.83 2.80 4.76
C PHE C 171 6.16 3.03 5.43
N THR C 172 6.64 4.28 5.42
CA THR C 172 7.88 4.62 6.13
C THR C 172 7.54 4.80 7.60
N ALA C 173 8.26 4.13 8.50
CA ALA C 173 7.99 4.26 9.93
C ALA C 173 8.40 5.64 10.46
N LYS C 174 7.55 6.28 11.24
CA LYS C 174 7.86 7.59 11.81
C LYS C 174 7.51 7.67 13.31
N ILE C 175 8.52 7.78 14.18
CA ILE C 175 8.31 7.81 15.62
C ILE C 175 7.59 9.11 15.99
N SER C 176 6.51 9.02 16.80
CA SER C 176 5.71 10.17 17.23
C SER C 176 5.64 10.25 18.77
N ASP C 177 4.94 11.27 19.30
CA ASP C 177 4.77 11.49 20.74
C ASP C 177 6.09 11.61 21.51
N PHE C 178 6.54 12.83 21.71
CA PHE C 178 7.76 13.16 22.41
C PHE C 178 7.50 13.97 23.70
N GLY C 179 6.29 13.89 24.26
CA GLY C 179 5.91 14.62 25.46
C GLY C 179 6.67 14.17 26.69
N LEU C 180 7.12 12.90 26.69
CA LEU C 180 7.88 12.34 27.81
C LEU C 180 9.38 12.20 27.54
N ALA C 181 9.85 12.50 26.31
CA ALA C 181 11.26 12.42 25.97
C ALA C 181 12.19 13.16 26.97
N ARG C 182 13.32 12.54 27.33
CA ARG C 182 14.24 13.11 28.28
C ARG C 182 15.65 13.22 27.72
N ALA C 183 16.29 14.38 27.90
CA ALA C 183 17.64 14.61 27.40
C ALA C 183 18.70 13.95 28.29
N VAL C 191 20.20 7.09 36.51
CA VAL C 191 19.25 8.21 36.61
C VAL C 191 17.85 7.73 37.07
N MET C 192 17.32 8.33 38.14
CA MET C 192 16.02 7.94 38.71
C MET C 192 14.93 9.04 38.60
N TPO C 193 13.67 8.65 38.87
CA TPO C 193 12.51 9.54 38.86
CB TPO C 193 11.93 9.87 37.45
CG2 TPO C 193 11.35 8.63 36.76
OG1 TPO C 193 10.83 10.84 37.52
P TPO C 193 11.11 12.38 37.41
O1P TPO C 193 10.05 13.02 36.53
O2P TPO C 193 11.02 12.98 38.81
O3P TPO C 193 12.43 12.72 36.73
C TPO C 193 11.37 8.99 39.77
O TPO C 193 11.27 7.77 39.96
N SEP C 194 10.55 9.89 40.32
CA SEP C 194 9.41 9.51 41.16
CB SEP C 194 9.07 10.58 42.22
OG SEP C 194 8.78 11.83 41.57
C SEP C 194 8.14 9.33 40.31
O SEP C 194 7.30 8.50 40.62
P SEP C 194 9.04 13.01 42.54
O1P SEP C 194 7.73 13.25 43.30
O2P SEP C 194 9.40 14.25 41.70
O3P SEP C 194 10.18 12.71 43.55
N ARG C 195 8.01 10.13 39.24
CA ARG C 195 6.87 10.05 38.35
C ARG C 195 7.19 9.09 37.20
N ILE C 196 6.86 7.81 37.40
CA ILE C 196 7.08 6.75 36.42
C ILE C 196 6.04 6.82 35.33
N VAL C 197 6.47 7.06 34.08
CA VAL C 197 5.55 7.17 32.94
C VAL C 197 5.92 6.22 31.81
N GLY C 198 4.89 5.83 31.04
CA GLY C 198 5.02 4.90 29.93
C GLY C 198 3.90 3.87 29.93
N THR C 199 3.89 3.00 28.94
CA THR C 199 2.86 1.98 28.81
C THR C 199 3.34 0.65 29.41
N THR C 200 2.72 0.19 30.49
CA THR C 200 3.14 -1.01 31.23
C THR C 200 3.54 -2.21 30.36
N ALA C 201 2.71 -2.55 29.36
CA ALA C 201 2.94 -3.67 28.47
C ALA C 201 4.25 -3.62 27.68
N TYR C 202 4.84 -2.43 27.55
CA TYR C 202 6.07 -2.22 26.79
C TYR C 202 7.27 -1.94 27.68
N MET C 203 7.05 -1.37 28.86
CA MET C 203 8.11 -0.96 29.77
C MET C 203 9.08 -2.05 30.12
N ALA C 204 10.34 -1.67 30.26
CA ALA C 204 11.43 -2.51 30.72
C ALA C 204 11.29 -2.71 32.24
N PRO C 205 11.84 -3.79 32.82
CA PRO C 205 11.75 -3.94 34.28
C PRO C 205 12.30 -2.75 35.08
N GLU C 206 13.48 -2.22 34.70
CA GLU C 206 14.06 -1.08 35.41
C GLU C 206 13.30 0.24 35.17
N ALA C 207 12.59 0.37 34.03
CA ALA C 207 11.79 1.56 33.76
C ALA C 207 10.59 1.59 34.72
N LEU C 208 9.95 0.41 34.93
CA LEU C 208 8.84 0.23 35.87
C LEU C 208 9.25 0.51 37.32
N ARG C 209 10.56 0.51 37.61
CA ARG C 209 11.12 0.83 38.92
C ARG C 209 11.53 2.29 39.08
N GLY C 210 11.50 3.09 38.01
CA GLY C 210 11.86 4.49 38.10
C GLY C 210 13.12 4.91 37.38
N GLU C 211 13.86 3.97 36.77
CA GLU C 211 15.09 4.31 36.04
C GLU C 211 14.81 4.93 34.67
N ILE C 212 15.56 5.98 34.32
CA ILE C 212 15.44 6.62 33.00
C ILE C 212 16.73 6.32 32.23
N THR C 213 16.69 5.38 31.29
CA THR C 213 17.86 5.01 30.51
C THR C 213 17.49 4.70 29.03
N PRO C 214 18.36 5.03 28.05
CA PRO C 214 18.07 4.65 26.67
C PRO C 214 17.99 3.14 26.48
N LYS C 215 18.51 2.35 27.43
CA LYS C 215 18.41 0.89 27.37
C LYS C 215 16.93 0.42 27.54
N SER C 216 16.08 1.23 28.21
CA SER C 216 14.67 0.93 28.39
C SER C 216 13.94 1.08 27.03
N ASP C 217 14.35 2.06 26.19
CA ASP C 217 13.79 2.27 24.86
C ASP C 217 14.03 1.03 23.98
N ILE C 218 15.21 0.39 24.13
CA ILE C 218 15.57 -0.82 23.41
C ILE C 218 14.62 -1.97 23.76
N TYR C 219 14.34 -2.14 25.06
CA TYR C 219 13.40 -3.16 25.54
C TYR C 219 12.02 -2.97 24.90
N SER C 220 11.52 -1.73 24.92
CA SER C 220 10.23 -1.38 24.34
C SER C 220 10.21 -1.67 22.83
N PHE C 221 11.33 -1.45 22.14
CA PHE C 221 11.45 -1.75 20.74
C PHE C 221 11.39 -3.28 20.48
N GLY C 222 11.91 -4.09 21.40
CA GLY C 222 11.84 -5.54 21.33
C GLY C 222 10.40 -6.00 21.35
N VAL C 223 9.54 -5.30 22.14
CA VAL C 223 8.09 -5.58 22.19
C VAL C 223 7.43 -5.22 20.89
N VAL C 224 7.85 -4.12 20.27
CA VAL C 224 7.33 -3.73 18.96
C VAL C 224 7.70 -4.80 17.91
N LEU C 225 8.95 -5.32 17.94
CA LEU C 225 9.36 -6.39 17.02
C LEU C 225 8.51 -7.63 17.20
N LEU C 226 8.16 -8.00 18.45
CA LEU C 226 7.27 -9.14 18.68
C LEU C 226 5.90 -8.87 18.11
N GLU C 227 5.39 -7.64 18.26
CA GLU C 227 4.09 -7.27 17.69
C GLU C 227 4.12 -7.40 16.17
N ILE C 228 5.22 -6.98 15.52
CA ILE C 228 5.39 -7.07 14.07
C ILE C 228 5.43 -8.54 13.65
N ILE C 229 6.20 -9.40 14.36
CA ILE C 229 6.29 -10.82 14.03
C ILE C 229 4.97 -11.58 14.20
N THR C 230 4.29 -11.34 15.32
CA THR C 230 3.08 -12.08 15.66
C THR C 230 1.76 -11.45 15.23
N GLY C 231 1.72 -10.14 15.07
CA GLY C 231 0.49 -9.42 14.78
C GLY C 231 -0.41 -9.26 15.99
N LEU C 232 0.05 -9.69 17.18
CA LEU C 232 -0.70 -9.62 18.44
C LEU C 232 -0.39 -8.35 19.18
N PRO C 233 -1.38 -7.69 19.81
CA PRO C 233 -1.08 -6.47 20.59
C PRO C 233 -0.24 -6.79 21.82
N ALA C 234 0.55 -5.84 22.34
CA ALA C 234 1.42 -6.11 23.51
C ALA C 234 0.66 -6.58 24.75
N VAL C 235 -0.58 -6.14 24.88
CA VAL C 235 -1.44 -6.55 25.98
C VAL C 235 -2.84 -6.83 25.45
N ASP C 236 -3.43 -7.90 25.92
CA ASP C 236 -4.77 -8.31 25.55
C ASP C 236 -5.29 -9.00 26.79
N GLU C 237 -6.28 -8.39 27.45
CA GLU C 237 -6.78 -8.97 28.69
C GLU C 237 -7.59 -10.26 28.48
N HIS C 238 -8.09 -10.51 27.27
CA HIS C 238 -8.84 -11.72 26.96
C HIS C 238 -7.91 -12.66 26.19
N ARG C 239 -6.69 -12.85 26.70
CA ARG C 239 -5.71 -13.69 26.02
C ARG C 239 -4.78 -14.40 26.98
N GLU C 240 -4.24 -15.55 26.55
CA GLU C 240 -3.28 -16.28 27.35
C GLU C 240 -2.03 -16.57 26.54
N PRO C 241 -0.88 -15.95 26.88
CA PRO C 241 -0.67 -14.98 27.97
C PRO C 241 -1.18 -13.58 27.63
N GLN C 242 -1.55 -12.79 28.65
CA GLN C 242 -2.04 -11.42 28.42
C GLN C 242 -0.92 -10.52 27.94
N LEU C 243 0.30 -10.71 28.44
CA LEU C 243 1.44 -9.89 28.01
C LEU C 243 2.23 -10.59 26.94
N LEU C 244 2.33 -9.94 25.78
CA LEU C 244 3.04 -10.48 24.61
C LEU C 244 4.49 -10.85 24.93
N LEU C 245 5.21 -10.04 25.73
CA LEU C 245 6.60 -10.38 26.07
C LEU C 245 6.73 -11.71 26.86
N ASP C 246 5.61 -12.27 27.37
CA ASP C 246 5.64 -13.57 28.04
C ASP C 246 5.92 -14.70 27.04
N ILE C 247 5.65 -14.50 25.74
CA ILE C 247 5.91 -15.49 24.71
C ILE C 247 7.40 -15.77 24.56
N LYS C 248 8.28 -14.78 24.87
CA LYS C 248 9.74 -14.97 24.84
C LYS C 248 10.15 -16.15 25.78
N GLU C 249 9.49 -16.23 26.93
CA GLU C 249 9.74 -17.30 27.90
C GLU C 249 9.17 -18.63 27.45
N GLU C 250 8.01 -18.64 26.77
CA GLU C 250 7.41 -19.88 26.24
C GLU C 250 8.34 -20.49 25.22
N ILE C 251 8.91 -19.64 24.35
CA ILE C 251 9.82 -20.08 23.30
C ILE C 251 11.12 -20.58 23.92
N GLU C 252 11.69 -19.83 24.87
CA GLU C 252 12.93 -20.21 25.54
C GLU C 252 12.80 -21.49 26.33
N ASP C 253 11.65 -21.69 26.99
CA ASP C 253 11.40 -22.93 27.73
C ASP C 253 10.87 -24.06 26.82
N GLU C 254 11.01 -23.91 25.47
CA GLU C 254 10.66 -24.81 24.38
C GLU C 254 9.23 -25.36 24.45
N GLU C 255 8.32 -24.63 25.12
CA GLU C 255 6.90 -24.98 25.18
C GLU C 255 6.25 -24.70 23.81
N LYS C 256 6.63 -23.58 23.19
CA LYS C 256 6.21 -23.11 21.88
C LYS C 256 7.45 -22.74 21.04
N THR C 257 7.27 -22.59 19.72
CA THR C 257 8.33 -22.14 18.82
C THR C 257 7.93 -20.78 18.21
N ILE C 258 8.87 -20.06 17.57
CA ILE C 258 8.53 -18.78 16.93
C ILE C 258 7.52 -19.02 15.81
N GLU C 259 7.64 -20.16 15.10
CA GLU C 259 6.73 -20.55 14.03
C GLU C 259 5.29 -20.58 14.52
N ASP C 260 5.06 -21.06 15.75
CA ASP C 260 3.73 -21.13 16.34
C ASP C 260 3.09 -19.75 16.52
N TYR C 261 3.92 -18.70 16.68
CA TYR C 261 3.40 -17.36 16.93
C TYR C 261 3.43 -16.43 15.74
N ILE C 262 4.09 -16.78 14.62
CA ILE C 262 4.13 -15.93 13.42
C ILE C 262 2.73 -15.53 12.98
N ASP C 263 2.55 -14.27 12.57
CA ASP C 263 1.24 -13.77 12.14
C ASP C 263 0.76 -14.58 10.95
N LYS C 264 -0.38 -15.24 11.12
CA LYS C 264 -0.98 -16.03 10.04
C LYS C 264 -1.51 -15.17 8.88
N LYS C 265 -1.60 -13.82 9.07
CA LYS C 265 -2.08 -12.91 8.03
C LYS C 265 -0.96 -12.46 7.10
N MET C 266 0.01 -13.34 6.85
CA MET C 266 1.13 -13.10 5.94
C MET C 266 1.36 -14.36 5.12
N ASN C 267 1.60 -14.22 3.81
CA ASN C 267 1.95 -15.40 3.02
C ASN C 267 3.44 -15.38 2.59
N ASP C 268 4.16 -14.26 2.82
CA ASP C 268 5.55 -14.09 2.39
C ASP C 268 6.61 -14.11 3.49
N ALA C 269 6.25 -14.56 4.69
CA ALA C 269 7.18 -14.61 5.79
C ALA C 269 8.03 -15.88 5.69
N ASP C 270 9.34 -15.74 5.41
CA ASP C 270 10.22 -16.90 5.37
C ASP C 270 10.83 -17.11 6.75
N SER C 271 11.00 -18.38 7.14
CA SER C 271 11.51 -18.77 8.44
C SER C 271 12.84 -18.14 8.84
N THR C 272 13.78 -18.05 7.90
CA THR C 272 15.10 -17.50 8.18
C THR C 272 15.06 -16.05 8.66
N SER C 273 14.35 -15.17 7.90
CA SER C 273 14.25 -13.76 8.26
C SER C 273 13.36 -13.54 9.49
N VAL C 274 12.34 -14.39 9.68
CA VAL C 274 11.48 -14.29 10.85
C VAL C 274 12.28 -14.62 12.10
N GLU C 275 13.12 -15.67 12.04
CA GLU C 275 14.00 -16.07 13.15
C GLU C 275 15.10 -15.02 13.39
N ALA C 276 15.54 -14.33 12.34
CA ALA C 276 16.55 -13.30 12.47
C ALA C 276 15.95 -12.13 13.23
N MET C 277 14.69 -11.72 12.90
CA MET C 277 14.01 -10.63 13.61
C MET C 277 13.68 -11.02 15.04
N TYR C 278 13.29 -12.30 15.26
CA TYR C 278 13.01 -12.76 16.60
C TYR C 278 14.29 -12.75 17.45
N SER C 279 15.46 -13.08 16.88
CA SER C 279 16.74 -13.03 17.59
C SER C 279 17.02 -11.60 18.10
N VAL C 280 16.72 -10.59 17.28
CA VAL C 280 16.90 -9.19 17.67
C VAL C 280 15.94 -8.86 18.84
N ALA C 281 14.64 -9.24 18.71
CA ALA C 281 13.61 -9.01 19.73
C ALA C 281 14.04 -9.64 21.05
N SER C 282 14.58 -10.85 20.99
CA SER C 282 15.03 -11.60 22.14
C SER C 282 16.18 -10.87 22.84
N GLN C 283 17.11 -10.30 22.07
CA GLN C 283 18.24 -9.55 22.62
C GLN C 283 17.76 -8.27 23.26
N CYS C 284 16.81 -7.58 22.64
CA CYS C 284 16.23 -6.34 23.18
C CYS C 284 15.49 -6.57 24.46
N LEU C 285 14.87 -7.75 24.62
CA LEU C 285 14.08 -8.11 25.80
C LEU C 285 14.85 -8.80 26.93
N HIS C 286 16.18 -8.63 26.96
CA HIS C 286 17.00 -9.19 28.03
C HIS C 286 16.64 -8.41 29.29
N GLU C 287 16.41 -9.13 30.38
CA GLU C 287 15.99 -8.52 31.64
C GLU C 287 17.07 -7.61 32.26
N LYS C 288 18.35 -7.91 31.99
CA LYS C 288 19.45 -7.09 32.46
C LYS C 288 19.65 -5.96 31.44
N LYS C 289 19.52 -4.68 31.86
CA LYS C 289 19.66 -3.56 30.93
C LYS C 289 21.02 -3.53 30.24
N ASN C 290 22.07 -3.94 30.94
CA ASN C 290 23.42 -3.92 30.39
C ASN C 290 23.69 -5.05 29.39
N LYS C 291 22.86 -6.09 29.37
CA LYS C 291 23.04 -7.18 28.41
C LYS C 291 22.39 -6.89 27.05
N ARG C 292 21.40 -5.96 27.01
CA ARG C 292 20.71 -5.55 25.80
C ARG C 292 21.68 -4.84 24.87
N PRO C 293 21.46 -4.98 23.54
CA PRO C 293 22.34 -4.27 22.61
C PRO C 293 21.98 -2.78 22.50
N ASP C 294 22.93 -1.92 22.08
CA ASP C 294 22.62 -0.51 21.84
C ASP C 294 21.85 -0.37 20.50
N ILE C 295 21.21 0.80 20.26
CA ILE C 295 20.40 0.98 19.07
C ILE C 295 21.20 0.83 17.76
N LYS C 296 22.49 1.22 17.73
CA LYS C 296 23.30 1.03 16.51
C LYS C 296 23.47 -0.47 16.17
N LYS C 297 23.54 -1.32 17.20
CA LYS C 297 23.66 -2.75 17.01
C LYS C 297 22.34 -3.33 16.53
N VAL C 298 21.21 -2.85 17.08
CA VAL C 298 19.87 -3.28 16.66
C VAL C 298 19.65 -2.92 15.18
N GLN C 299 20.07 -1.70 14.81
CA GLN C 299 19.98 -1.16 13.46
C GLN C 299 20.83 -2.01 12.51
N GLN C 300 22.03 -2.42 12.97
CA GLN C 300 22.97 -3.24 12.22
C GLN C 300 22.42 -4.65 11.98
N LEU C 301 21.81 -5.25 13.01
CA LEU C 301 21.23 -6.59 12.89
C LEU C 301 20.02 -6.61 11.95
N LEU C 302 19.17 -5.57 12.02
CA LEU C 302 17.99 -5.45 11.17
C LEU C 302 18.36 -5.25 9.69
N GLN C 303 19.50 -4.61 9.40
CA GLN C 303 19.94 -4.46 8.02
C GLN C 303 20.55 -5.78 7.51
N GLU C 304 21.25 -6.53 8.38
CA GLU C 304 21.85 -7.83 8.04
C GLU C 304 20.77 -8.85 7.67
N MET C 305 19.61 -8.78 8.34
CA MET C 305 18.43 -9.63 8.16
C MET C 305 17.90 -9.62 6.71
N THR C 306 18.06 -8.49 6.02
CA THR C 306 17.62 -8.33 4.65
C THR C 306 18.79 -8.31 3.66
N ARG D 12 -32.39 -6.01 -8.08
CA ARG D 12 -31.09 -6.52 -7.65
C ARG D 12 -30.23 -5.43 -6.98
N PHE D 13 -30.31 -4.18 -7.52
CA PHE D 13 -29.61 -2.99 -7.05
C PHE D 13 -30.57 -2.01 -6.37
N HIS D 14 -30.05 -1.14 -5.50
CA HIS D 14 -30.88 -0.14 -4.83
C HIS D 14 -31.24 1.01 -5.77
N SER D 15 -32.51 1.48 -5.71
CA SER D 15 -32.92 2.60 -6.56
C SER D 15 -33.05 3.92 -5.79
N PHE D 16 -31.96 4.67 -5.75
CA PHE D 16 -31.85 5.96 -5.08
C PHE D 16 -32.69 7.03 -5.73
N SER D 17 -33.03 8.06 -4.94
CA SER D 17 -33.65 9.26 -5.47
C SER D 17 -32.42 10.19 -5.63
N PHE D 18 -32.41 11.02 -6.67
CA PHE D 18 -31.27 11.90 -6.94
C PHE D 18 -30.90 12.81 -5.77
N TYR D 19 -31.87 13.32 -4.99
CA TYR D 19 -31.58 14.21 -3.87
C TYR D 19 -30.64 13.56 -2.86
N GLU D 20 -30.81 12.24 -2.63
CA GLU D 20 -29.97 11.43 -1.72
C GLU D 20 -28.54 11.38 -2.25
N LEU D 21 -28.36 11.28 -3.57
CA LEU D 21 -27.04 11.28 -4.17
C LEU D 21 -26.37 12.65 -4.15
N LYS D 22 -27.13 13.74 -3.96
CA LYS D 22 -26.53 15.06 -3.82
C LYS D 22 -25.92 15.06 -2.43
N ASN D 23 -26.70 14.77 -1.39
CA ASN D 23 -26.20 14.73 -0.03
C ASN D 23 -25.07 13.74 0.19
N VAL D 24 -25.16 12.54 -0.40
CA VAL D 24 -24.14 11.49 -0.27
C VAL D 24 -22.72 11.97 -0.67
N THR D 25 -22.60 12.69 -1.80
CA THR D 25 -21.34 13.18 -2.32
C THR D 25 -21.03 14.61 -1.94
N ASN D 26 -21.70 15.18 -0.94
CA ASN D 26 -21.51 16.57 -0.54
C ASN D 26 -21.82 17.52 -1.70
N ASN D 27 -22.96 17.25 -2.32
CA ASN D 27 -23.59 18.03 -3.36
C ASN D 27 -22.76 18.12 -4.60
N PHE D 28 -22.19 16.95 -4.96
CA PHE D 28 -21.29 16.67 -6.07
C PHE D 28 -20.16 17.67 -6.08
N ASP D 29 -19.47 17.78 -4.93
CA ASP D 29 -18.35 18.69 -4.70
C ASP D 29 -17.28 18.45 -5.76
N GLU D 30 -16.97 19.50 -6.50
CA GLU D 30 -16.05 19.42 -7.61
C GLU D 30 -14.56 19.59 -7.21
N ARG D 31 -14.25 19.74 -5.91
CA ARG D 31 -12.86 19.86 -5.48
C ARG D 31 -12.24 18.47 -5.31
N PRO D 32 -10.92 18.32 -5.51
CA PRO D 32 -10.30 16.98 -5.40
C PRO D 32 -10.32 16.46 -3.97
N ILE D 33 -10.19 15.12 -3.80
CA ILE D 33 -10.12 14.49 -2.48
C ILE D 33 -8.97 15.07 -1.67
N SER D 34 -7.81 15.29 -2.34
CA SER D 34 -6.60 15.85 -1.75
C SER D 34 -6.83 17.19 -1.06
N VAL D 35 -7.71 18.04 -1.62
CA VAL D 35 -8.05 19.36 -1.07
C VAL D 35 -9.19 19.29 0.01
N GLY D 36 -9.84 18.13 0.12
CA GLY D 36 -10.94 17.91 1.04
C GLY D 36 -12.30 17.80 0.36
N GLY D 37 -12.30 17.73 -0.96
CA GLY D 37 -13.52 17.64 -1.74
C GLY D 37 -13.97 16.22 -2.03
N ASN D 38 -14.89 16.10 -2.98
CA ASN D 38 -15.48 14.83 -3.34
C ASN D 38 -15.26 14.41 -4.77
N LYS D 39 -14.57 15.21 -5.61
CA LYS D 39 -14.31 14.78 -6.99
C LYS D 39 -13.12 13.82 -6.98
N MET D 40 -13.29 12.60 -7.48
CA MET D 40 -12.17 11.63 -7.50
C MET D 40 -11.46 11.56 -8.85
N GLY D 41 -12.22 11.74 -9.91
CA GLY D 41 -11.69 11.67 -11.25
C GLY D 41 -12.75 11.78 -12.32
N GLU D 42 -12.32 11.74 -13.58
CA GLU D 42 -13.23 11.87 -14.70
C GLU D 42 -13.39 10.54 -15.35
N GLY D 43 -14.56 9.94 -15.20
CA GLY D 43 -14.86 8.67 -15.84
C GLY D 43 -14.91 8.82 -17.35
N GLY D 44 -15.33 7.76 -18.03
CA GLY D 44 -15.41 7.79 -19.48
C GLY D 44 -16.59 8.64 -19.92
N PHE D 45 -17.77 8.27 -19.40
CA PHE D 45 -19.01 8.95 -19.76
C PHE D 45 -19.39 10.07 -18.76
N GLY D 46 -18.82 10.09 -17.56
CA GLY D 46 -19.14 11.13 -16.59
C GLY D 46 -18.02 11.54 -15.65
N VAL D 47 -18.36 11.90 -14.42
CA VAL D 47 -17.36 12.26 -13.40
C VAL D 47 -17.67 11.49 -12.08
N VAL D 48 -16.64 10.81 -11.53
CA VAL D 48 -16.78 9.96 -10.35
C VAL D 48 -16.52 10.71 -9.03
N TYR D 49 -17.45 10.65 -8.09
CA TYR D 49 -17.32 11.33 -6.82
C TYR D 49 -17.27 10.38 -5.63
N LYS D 50 -16.71 10.83 -4.51
CA LYS D 50 -16.68 10.03 -3.30
C LYS D 50 -17.90 10.39 -2.45
N GLY D 51 -18.48 9.38 -1.82
CA GLY D 51 -19.64 9.56 -0.97
C GLY D 51 -19.68 8.57 0.16
N TYR D 52 -20.58 8.79 1.11
CA TYR D 52 -20.80 7.90 2.25
C TYR D 52 -22.28 7.70 2.40
N VAL D 53 -22.77 6.52 2.09
CA VAL D 53 -24.19 6.20 2.27
C VAL D 53 -24.21 5.09 3.28
N ASN D 54 -24.81 5.34 4.46
CA ASN D 54 -24.95 4.39 5.57
C ASN D 54 -23.62 3.78 6.01
N ASN D 55 -22.61 4.66 6.21
CA ASN D 55 -21.23 4.32 6.60
C ASN D 55 -20.45 3.52 5.51
N THR D 56 -21.07 3.24 4.36
CA THR D 56 -20.39 2.57 3.25
C THR D 56 -19.76 3.63 2.38
N THR D 57 -18.46 3.52 2.04
CA THR D 57 -17.85 4.50 1.13
C THR D 57 -18.20 4.09 -0.28
N VAL D 58 -18.74 5.03 -1.09
CA VAL D 58 -19.19 4.73 -2.45
C VAL D 58 -18.52 5.61 -3.49
N ALA D 59 -18.57 5.16 -4.75
CA ALA D 59 -18.13 5.94 -5.91
C ALA D 59 -19.40 6.26 -6.68
N VAL D 60 -19.81 7.53 -6.72
CA VAL D 60 -21.02 7.94 -7.43
C VAL D 60 -20.62 8.55 -8.78
N LYS D 61 -20.92 7.84 -9.88
CA LYS D 61 -20.60 8.33 -11.22
C LYS D 61 -21.76 9.12 -11.78
N LYS D 62 -21.61 10.44 -11.92
CA LYS D 62 -22.70 11.27 -12.47
C LYS D 62 -22.46 11.43 -13.98
N LEU D 63 -23.24 10.69 -14.80
CA LEU D 63 -23.10 10.70 -16.26
C LEU D 63 -23.34 12.08 -16.86
N ALA D 64 -22.48 12.46 -17.83
CA ALA D 64 -22.51 13.73 -18.54
C ALA D 64 -22.76 13.49 -20.03
N GLU D 73 -30.25 8.60 -25.72
CA GLU D 73 -29.00 9.36 -25.82
C GLU D 73 -27.86 8.47 -25.24
N LEU D 74 -27.25 8.87 -24.11
CA LEU D 74 -26.29 8.06 -23.35
C LEU D 74 -27.06 7.24 -22.27
N LYS D 75 -28.41 7.34 -22.23
CA LYS D 75 -29.28 6.57 -21.36
C LYS D 75 -29.12 5.07 -21.71
N GLN D 76 -28.81 4.73 -22.98
CA GLN D 76 -28.56 3.39 -23.52
C GLN D 76 -27.32 2.76 -22.83
N GLN D 77 -26.31 3.57 -22.49
CA GLN D 77 -25.09 3.15 -21.79
C GLN D 77 -25.38 2.90 -20.29
N PHE D 78 -26.32 3.67 -19.71
CA PHE D 78 -26.77 3.54 -18.33
C PHE D 78 -27.53 2.22 -18.23
N ASP D 79 -28.46 1.97 -19.15
CA ASP D 79 -29.22 0.73 -19.15
C ASP D 79 -28.32 -0.45 -19.45
N GLN D 80 -27.32 -0.30 -20.33
CA GLN D 80 -26.40 -1.41 -20.61
C GLN D 80 -25.49 -1.71 -19.45
N GLU D 81 -25.03 -0.66 -18.72
CA GLU D 81 -24.19 -0.81 -17.54
C GLU D 81 -24.96 -1.58 -16.48
N ILE D 82 -26.23 -1.17 -16.26
CA ILE D 82 -27.11 -1.83 -15.29
C ILE D 82 -27.40 -3.27 -15.67
N LYS D 83 -27.57 -3.53 -16.99
CA LYS D 83 -27.85 -4.86 -17.51
C LYS D 83 -26.64 -5.79 -17.38
N VAL D 84 -25.46 -5.31 -17.81
CA VAL D 84 -24.26 -6.12 -17.71
C VAL D 84 -23.92 -6.40 -16.27
N MET D 85 -24.05 -5.39 -15.41
CA MET D 85 -23.78 -5.56 -13.99
C MET D 85 -24.70 -6.53 -13.28
N ALA D 86 -25.92 -6.65 -13.78
CA ALA D 86 -26.88 -7.54 -13.18
C ALA D 86 -26.48 -8.98 -13.45
N LYS D 87 -26.02 -9.29 -14.67
CA LYS D 87 -25.61 -10.63 -15.09
C LYS D 87 -24.20 -11.04 -14.59
N CYS D 88 -23.25 -10.09 -14.67
CA CYS D 88 -21.87 -10.37 -14.36
C CYS D 88 -21.52 -10.05 -12.96
N GLN D 89 -21.17 -11.08 -12.19
CA GLN D 89 -20.69 -10.91 -10.82
C GLN D 89 -19.39 -11.69 -10.64
N HIS D 90 -18.27 -10.99 -10.54
CA HIS D 90 -16.97 -11.63 -10.40
C HIS D 90 -16.09 -10.76 -9.52
N GLU D 91 -15.10 -11.35 -8.80
CA GLU D 91 -14.22 -10.54 -7.95
C GLU D 91 -13.28 -9.63 -8.76
N ASN D 92 -13.06 -9.88 -10.07
CA ASN D 92 -12.24 -8.98 -10.88
C ASN D 92 -13.08 -8.03 -11.71
N LEU D 93 -14.32 -7.74 -11.27
CA LEU D 93 -15.23 -6.80 -11.91
C LEU D 93 -15.76 -5.90 -10.82
N VAL D 94 -15.95 -4.61 -11.12
CA VAL D 94 -16.49 -3.69 -10.09
C VAL D 94 -17.91 -4.07 -9.71
N GLU D 95 -18.34 -3.67 -8.50
CA GLU D 95 -19.69 -3.95 -8.08
C GLU D 95 -20.56 -2.72 -8.06
N LEU D 96 -21.67 -2.81 -8.78
CA LEU D 96 -22.66 -1.76 -8.78
C LEU D 96 -23.54 -1.96 -7.53
N LEU D 97 -23.78 -0.88 -6.80
CA LEU D 97 -24.64 -0.93 -5.62
C LEU D 97 -26.03 -0.38 -5.91
N GLY D 98 -26.09 0.67 -6.71
CA GLY D 98 -27.36 1.30 -7.03
C GLY D 98 -27.28 2.25 -8.18
N PHE D 99 -28.32 3.08 -8.31
CA PHE D 99 -28.42 4.05 -9.39
C PHE D 99 -29.56 5.04 -9.12
N SER D 100 -29.60 6.13 -9.90
CA SER D 100 -30.66 7.13 -9.84
C SER D 100 -30.96 7.59 -11.28
N SER D 101 -32.19 7.39 -11.74
CA SER D 101 -32.58 7.83 -13.08
C SER D 101 -33.65 8.93 -13.07
N ASP D 102 -34.10 9.40 -11.87
CA ASP D 102 -35.10 10.46 -11.79
C ASP D 102 -34.50 11.83 -12.20
N GLY D 103 -35.32 12.62 -12.90
CA GLY D 103 -34.90 13.89 -13.47
C GLY D 103 -34.05 13.68 -14.73
N ASP D 104 -33.35 14.74 -15.18
CA ASP D 104 -32.47 14.61 -16.36
C ASP D 104 -31.03 14.19 -15.97
N ASP D 105 -30.84 13.69 -14.73
CA ASP D 105 -29.55 13.24 -14.21
C ASP D 105 -29.55 11.74 -13.95
N LEU D 106 -28.48 11.08 -14.42
CA LEU D 106 -28.31 9.64 -14.28
C LEU D 106 -27.03 9.39 -13.50
N CYS D 107 -27.14 8.68 -12.37
CA CYS D 107 -25.96 8.35 -11.57
C CYS D 107 -25.85 6.86 -11.36
N LEU D 108 -24.63 6.35 -11.35
CA LEU D 108 -24.38 4.95 -11.09
C LEU D 108 -23.59 4.89 -9.77
N VAL D 109 -24.02 4.06 -8.81
CA VAL D 109 -23.38 4.02 -7.50
C VAL D 109 -22.59 2.72 -7.34
N TYR D 110 -21.30 2.79 -7.00
CA TYR D 110 -20.50 1.58 -6.85
C TYR D 110 -19.78 1.48 -5.51
N VAL D 111 -19.11 0.33 -5.29
CA VAL D 111 -18.28 0.15 -4.12
C VAL D 111 -17.00 0.90 -4.41
N TYR D 112 -16.65 1.82 -3.54
CA TYR D 112 -15.43 2.61 -3.66
C TYR D 112 -14.17 1.74 -3.69
N MET D 113 -13.27 2.01 -4.65
CA MET D 113 -12.01 1.29 -4.81
C MET D 113 -10.88 2.10 -4.21
N PRO D 114 -10.39 1.70 -3.03
CA PRO D 114 -9.36 2.50 -2.35
C PRO D 114 -8.14 2.96 -3.16
N ASN D 115 -7.70 2.13 -4.12
CA ASN D 115 -6.51 2.48 -4.89
C ASN D 115 -6.82 2.96 -6.30
N GLY D 116 -7.94 3.63 -6.49
CA GLY D 116 -8.32 4.23 -7.76
C GLY D 116 -8.13 3.39 -9.02
N SER D 117 -7.67 4.03 -10.12
CA SER D 117 -7.46 3.36 -11.40
C SER D 117 -6.02 2.95 -11.63
N LEU D 118 -5.78 1.89 -12.43
CA LEU D 118 -4.44 1.42 -12.78
C LEU D 118 -3.65 2.54 -13.46
N LEU D 119 -4.33 3.35 -14.28
CA LEU D 119 -3.73 4.48 -14.98
C LEU D 119 -3.13 5.47 -13.98
N ASP D 120 -3.89 5.85 -12.96
CA ASP D 120 -3.44 6.80 -11.95
C ASP D 120 -2.33 6.23 -11.12
N ARG D 121 -2.36 4.93 -10.82
CA ARG D 121 -1.31 4.31 -10.01
C ARG D 121 -0.01 4.17 -10.78
N LEU D 122 -0.10 3.91 -12.09
CA LEU D 122 1.10 3.82 -12.91
C LEU D 122 1.76 5.20 -13.01
N SER D 123 0.96 6.27 -13.09
CA SER D 123 1.48 7.63 -13.15
C SER D 123 1.85 8.21 -11.77
N CYS D 124 1.54 7.48 -10.68
CA CYS D 124 1.74 7.92 -9.31
C CYS D 124 1.03 9.23 -9.04
N LEU D 125 -0.19 9.37 -9.56
CA LEU D 125 -0.98 10.57 -9.38
C LEU D 125 -1.27 10.83 -7.91
N ASP D 126 -1.24 12.10 -7.48
CA ASP D 126 -1.52 12.50 -6.09
C ASP D 126 -0.57 11.90 -5.03
N GLY D 127 0.64 11.59 -5.49
CA GLY D 127 1.75 11.15 -4.67
C GLY D 127 1.76 9.71 -4.24
N THR D 128 0.95 8.85 -4.87
CA THR D 128 0.92 7.45 -4.49
C THR D 128 2.25 6.78 -4.86
N PRO D 129 2.71 5.82 -4.07
CA PRO D 129 4.01 5.19 -4.38
C PRO D 129 3.92 4.28 -5.59
N PRO D 130 5.06 4.08 -6.29
CA PRO D 130 5.05 3.22 -7.48
C PRO D 130 4.67 1.77 -7.20
N LEU D 131 3.89 1.14 -8.08
CA LEU D 131 3.53 -0.26 -7.94
C LEU D 131 4.79 -1.10 -8.21
N SER D 132 5.05 -2.11 -7.36
CA SER D 132 6.19 -2.99 -7.57
C SER D 132 5.92 -3.91 -8.77
N TRP D 133 6.94 -4.61 -9.25
CA TRP D 133 6.78 -5.57 -10.32
C TRP D 133 5.87 -6.72 -9.88
N HIS D 134 6.06 -7.20 -8.64
CA HIS D 134 5.26 -8.26 -8.09
C HIS D 134 3.77 -7.87 -8.05
N MET D 135 3.47 -6.64 -7.62
CA MET D 135 2.09 -6.19 -7.61
C MET D 135 1.54 -5.97 -9.03
N ARG D 136 2.38 -5.53 -9.97
CA ARG D 136 1.96 -5.35 -11.36
C ARG D 136 1.60 -6.68 -12.00
N CYS D 137 2.28 -7.77 -11.63
CA CYS D 137 1.98 -9.09 -12.14
C CYS D 137 0.61 -9.55 -11.64
N LYS D 138 0.34 -9.31 -10.35
CA LYS D 138 -0.94 -9.67 -9.73
C LYS D 138 -2.10 -8.94 -10.41
N ILE D 139 -1.88 -7.66 -10.75
CA ILE D 139 -2.89 -6.86 -11.38
C ILE D 139 -3.16 -7.38 -12.77
N ALA D 140 -2.12 -7.70 -13.53
CA ALA D 140 -2.23 -8.20 -14.89
C ALA D 140 -3.06 -9.50 -14.92
N GLN D 141 -2.75 -10.45 -14.01
CA GLN D 141 -3.47 -11.73 -13.91
C GLN D 141 -4.93 -11.47 -13.53
N GLY D 142 -5.15 -10.56 -12.57
CA GLY D 142 -6.49 -10.18 -12.14
C GLY D 142 -7.33 -9.59 -13.25
N ALA D 143 -6.76 -8.68 -14.06
CA ALA D 143 -7.46 -8.05 -15.18
C ALA D 143 -7.82 -9.10 -16.23
N ALA D 144 -6.91 -10.08 -16.48
CA ALA D 144 -7.14 -11.17 -17.42
C ALA D 144 -8.28 -12.08 -16.93
N ASN D 145 -8.39 -12.28 -15.60
CA ASN D 145 -9.46 -13.07 -15.02
C ASN D 145 -10.80 -12.37 -15.21
N GLY D 146 -10.81 -11.05 -15.07
CA GLY D 146 -11.99 -10.23 -15.26
C GLY D 146 -12.46 -10.25 -16.69
N ILE D 147 -11.51 -10.13 -17.64
CA ILE D 147 -11.85 -10.18 -19.07
C ILE D 147 -12.31 -11.57 -19.42
N ASN D 148 -11.65 -12.60 -18.87
CA ASN D 148 -12.04 -13.99 -19.11
C ASN D 148 -13.46 -14.25 -18.67
N PHE D 149 -13.87 -13.69 -17.52
CA PHE D 149 -15.23 -13.85 -17.04
C PHE D 149 -16.21 -13.20 -18.01
N LEU D 150 -15.91 -12.00 -18.49
CA LEU D 150 -16.77 -11.32 -19.46
C LEU D 150 -16.92 -12.16 -20.75
N HIS D 151 -15.79 -12.65 -21.29
CA HIS D 151 -15.77 -13.46 -22.51
C HIS D 151 -16.45 -14.81 -22.33
N GLU D 152 -16.26 -15.45 -21.16
CA GLU D 152 -16.89 -16.73 -20.81
C GLU D 152 -18.40 -16.57 -20.85
N ASN D 153 -18.89 -15.40 -20.35
CA ASN D 153 -20.28 -15.00 -20.34
C ASN D 153 -20.73 -14.24 -21.58
N HIS D 154 -19.99 -14.38 -22.70
CA HIS D 154 -20.26 -13.82 -24.03
C HIS D 154 -20.48 -12.30 -24.06
N HIS D 155 -19.56 -11.53 -23.46
CA HIS D 155 -19.64 -10.08 -23.48
C HIS D 155 -18.32 -9.49 -23.95
N ILE D 156 -18.39 -8.47 -24.81
CA ILE D 156 -17.24 -7.77 -25.34
C ILE D 156 -17.24 -6.41 -24.63
N HIS D 157 -16.20 -6.12 -23.87
CA HIS D 157 -16.11 -4.87 -23.11
C HIS D 157 -16.12 -3.62 -24.00
N ARG D 158 -15.31 -3.64 -25.07
CA ARG D 158 -15.15 -2.57 -26.06
C ARG D 158 -14.32 -1.35 -25.59
N ASP D 159 -13.90 -1.30 -24.31
CA ASP D 159 -13.11 -0.18 -23.83
C ASP D 159 -12.11 -0.59 -22.75
N ILE D 160 -11.35 -1.65 -23.00
CA ILE D 160 -10.34 -2.11 -22.07
C ILE D 160 -9.18 -1.14 -22.13
N LYS D 161 -8.91 -0.50 -21.02
CA LYS D 161 -7.84 0.47 -20.86
C LYS D 161 -7.49 0.59 -19.40
N SER D 162 -6.29 1.04 -19.07
CA SER D 162 -5.88 1.14 -17.68
C SER D 162 -6.74 2.06 -16.84
N ALA D 163 -7.40 3.07 -17.45
CA ALA D 163 -8.31 3.95 -16.72
C ALA D 163 -9.58 3.20 -16.26
N ASN D 164 -9.94 2.09 -16.94
CA ASN D 164 -11.07 1.21 -16.65
C ASN D 164 -10.69 -0.06 -15.88
N ILE D 165 -9.48 -0.11 -15.28
CA ILE D 165 -9.08 -1.24 -14.43
C ILE D 165 -8.85 -0.63 -13.08
N LEU D 166 -9.80 -0.79 -12.16
CA LEU D 166 -9.69 -0.22 -10.82
C LEU D 166 -8.97 -1.15 -9.85
N LEU D 167 -8.53 -0.62 -8.71
CA LEU D 167 -7.77 -1.39 -7.74
C LEU D 167 -8.35 -1.28 -6.33
N ASP D 168 -8.65 -2.43 -5.70
CA ASP D 168 -9.16 -2.43 -4.34
C ASP D 168 -7.99 -2.30 -3.32
N GLU D 169 -8.23 -2.47 -2.01
CA GLU D 169 -7.18 -2.36 -1.00
C GLU D 169 -6.03 -3.33 -1.28
N ALA D 170 -6.31 -4.62 -1.53
CA ALA D 170 -5.25 -5.59 -1.82
C ALA D 170 -4.78 -5.50 -3.28
N PHE D 171 -5.02 -4.35 -3.94
CA PHE D 171 -4.65 -4.13 -5.30
C PHE D 171 -5.21 -5.17 -6.24
N THR D 172 -6.43 -5.62 -5.99
CA THR D 172 -7.08 -6.59 -6.84
C THR D 172 -7.61 -5.82 -8.05
N ALA D 173 -7.30 -6.27 -9.26
CA ALA D 173 -7.77 -5.59 -10.46
C ALA D 173 -9.29 -5.80 -10.64
N LYS D 174 -10.04 -4.73 -10.94
CA LYS D 174 -11.49 -4.83 -11.15
C LYS D 174 -11.90 -4.07 -12.41
N ILE D 175 -12.32 -4.78 -13.46
CA ILE D 175 -12.74 -4.15 -14.72
C ILE D 175 -14.01 -3.33 -14.49
N SER D 176 -14.04 -2.07 -14.99
CA SER D 176 -15.16 -1.15 -14.83
C SER D 176 -15.64 -0.62 -16.19
N ASP D 177 -16.70 0.22 -16.20
CA ASP D 177 -17.30 0.82 -17.41
C ASP D 177 -17.77 -0.22 -18.41
N PHE D 178 -19.04 -0.56 -18.34
CA PHE D 178 -19.70 -1.51 -19.23
C PHE D 178 -20.85 -0.83 -19.99
N GLY D 179 -20.76 0.49 -20.22
CA GLY D 179 -21.78 1.21 -20.97
C GLY D 179 -21.76 0.86 -22.44
N LEU D 180 -20.63 0.32 -22.94
CA LEU D 180 -20.45 -0.09 -24.33
C LEU D 180 -20.40 -1.60 -24.53
N ALA D 181 -20.46 -2.41 -23.47
CA ALA D 181 -20.40 -3.85 -23.61
C ALA D 181 -21.45 -4.42 -24.60
N ARG D 182 -21.05 -5.45 -25.36
CA ARG D 182 -21.93 -6.05 -26.33
C ARG D 182 -21.95 -7.56 -26.21
N ALA D 183 -23.14 -8.16 -26.31
CA ALA D 183 -23.28 -9.60 -26.20
C ALA D 183 -22.93 -10.30 -27.52
N VAL D 191 -19.02 -9.20 -37.25
CA VAL D 191 -20.03 -8.27 -36.76
C VAL D 191 -19.59 -6.82 -36.89
N MET D 192 -20.42 -5.97 -37.53
CA MET D 192 -20.11 -4.57 -37.77
C MET D 192 -21.00 -3.56 -37.04
N TPO D 193 -20.57 -2.28 -37.03
CA TPO D 193 -21.30 -1.15 -36.42
CB TPO D 193 -21.17 -1.00 -34.88
CG2 TPO D 193 -19.75 -0.70 -34.47
OG1 TPO D 193 -21.99 0.06 -34.33
P TPO D 193 -23.46 -0.21 -33.84
O1P TPO D 193 -24.45 0.28 -34.95
O2P TPO D 193 -23.74 0.55 -32.56
O3P TPO D 193 -23.73 -1.67 -33.49
C TPO D 193 -20.93 0.19 -37.10
O TPO D 193 -19.82 0.34 -37.62
N SEP D 194 -21.88 1.12 -37.13
CA SEP D 194 -21.66 2.45 -37.71
CB SEP D 194 -22.94 3.03 -38.32
OG SEP D 194 -23.94 3.13 -37.29
C SEP D 194 -21.15 3.41 -36.64
O SEP D 194 -20.38 4.34 -36.95
P SEP D 194 -25.34 3.24 -37.90
O1P SEP D 194 -26.29 2.75 -36.78
O2P SEP D 194 -25.46 2.39 -39.16
O3P SEP D 194 -25.63 4.69 -38.28
N ARG D 195 -21.56 3.19 -35.37
CA ARG D 195 -21.15 3.98 -34.22
C ARG D 195 -19.90 3.35 -33.61
N ILE D 196 -18.72 3.79 -34.05
CA ILE D 196 -17.46 3.26 -33.56
C ILE D 196 -17.11 3.93 -32.24
N VAL D 197 -17.00 3.14 -31.17
CA VAL D 197 -16.69 3.65 -29.84
C VAL D 197 -15.48 2.95 -29.21
N GLY D 198 -14.79 3.68 -28.35
CA GLY D 198 -13.59 3.22 -27.67
C GLY D 198 -12.51 4.29 -27.63
N THR D 199 -11.40 3.99 -26.97
CA THR D 199 -10.29 4.96 -26.86
C THR D 199 -9.24 4.68 -27.91
N THR D 200 -9.05 5.59 -28.87
CA THR D 200 -8.15 5.43 -30.00
C THR D 200 -6.80 4.78 -29.68
N ALA D 201 -6.11 5.28 -28.64
CA ALA D 201 -4.80 4.79 -28.25
C ALA D 201 -4.74 3.31 -27.89
N TYR D 202 -5.89 2.70 -27.58
CA TYR D 202 -5.97 1.30 -27.19
C TYR D 202 -6.62 0.42 -28.25
N MET D 203 -7.48 0.99 -29.08
CA MET D 203 -8.25 0.24 -30.06
C MET D 203 -7.42 -0.59 -31.00
N ALA D 204 -7.96 -1.75 -31.35
CA ALA D 204 -7.39 -2.66 -32.33
C ALA D 204 -7.64 -2.06 -33.73
N PRO D 205 -6.84 -2.42 -34.75
CA PRO D 205 -7.10 -1.88 -36.09
C PRO D 205 -8.53 -2.16 -36.60
N GLU D 206 -9.03 -3.39 -36.44
CA GLU D 206 -10.38 -3.71 -36.91
C GLU D 206 -11.49 -3.05 -36.09
N ALA D 207 -11.23 -2.74 -34.81
CA ALA D 207 -12.21 -2.05 -33.97
C ALA D 207 -12.39 -0.62 -34.48
N LEU D 208 -11.27 0.05 -34.83
CA LEU D 208 -11.24 1.40 -35.41
C LEU D 208 -11.97 1.46 -36.75
N ARG D 209 -12.17 0.29 -37.41
CA ARG D 209 -12.89 0.16 -38.68
C ARG D 209 -14.38 -0.19 -38.54
N GLY D 210 -14.84 -0.49 -37.32
CA GLY D 210 -16.23 -0.80 -37.08
C GLY D 210 -16.55 -2.22 -36.65
N GLU D 211 -15.55 -3.11 -36.60
CA GLU D 211 -15.79 -4.50 -36.18
C GLU D 211 -15.96 -4.64 -34.65
N ILE D 212 -16.92 -5.46 -34.24
CA ILE D 212 -17.15 -5.75 -32.84
C ILE D 212 -16.76 -7.20 -32.59
N THR D 213 -15.58 -7.45 -32.00
CA THR D 213 -15.11 -8.81 -31.73
C THR D 213 -14.36 -8.92 -30.38
N PRO D 214 -14.49 -10.05 -29.64
CA PRO D 214 -13.71 -10.19 -28.40
C PRO D 214 -12.20 -10.16 -28.65
N LYS D 215 -11.76 -10.36 -29.93
CA LYS D 215 -10.35 -10.29 -30.29
C LYS D 215 -9.81 -8.83 -30.15
N SER D 216 -10.70 -7.82 -30.26
CA SER D 216 -10.34 -6.41 -30.11
C SER D 216 -10.02 -6.13 -28.63
N ASP D 217 -10.76 -6.77 -27.69
CA ASP D 217 -10.53 -6.64 -26.25
C ASP D 217 -9.11 -7.14 -25.91
N ILE D 218 -8.66 -8.22 -26.56
CA ILE D 218 -7.32 -8.79 -26.37
C ILE D 218 -6.23 -7.77 -26.78
N TYR D 219 -6.42 -7.11 -27.94
CA TYR D 219 -5.48 -6.09 -28.43
C TYR D 219 -5.36 -4.97 -27.40
N SER D 220 -6.50 -4.48 -26.90
CA SER D 220 -6.53 -3.42 -25.91
C SER D 220 -5.81 -3.86 -24.62
N PHE D 221 -5.94 -5.15 -24.25
CA PHE D 221 -5.27 -5.70 -23.08
C PHE D 221 -3.74 -5.72 -23.28
N GLY D 222 -3.29 -5.94 -24.51
CA GLY D 222 -1.87 -5.88 -24.86
C GLY D 222 -1.29 -4.50 -24.59
N VAL D 223 -2.09 -3.45 -24.86
CA VAL D 223 -1.70 -2.06 -24.58
C VAL D 223 -1.62 -1.81 -23.08
N VAL D 224 -2.54 -2.39 -22.31
CA VAL D 224 -2.50 -2.30 -20.86
C VAL D 224 -1.24 -2.98 -20.32
N LEU D 225 -0.86 -4.16 -20.86
CA LEU D 225 0.38 -4.83 -20.45
C LEU D 225 1.60 -3.97 -20.72
N LEU D 226 1.64 -3.27 -21.87
CA LEU D 226 2.76 -2.36 -22.15
C LEU D 226 2.78 -1.22 -21.15
N GLU D 227 1.63 -0.69 -20.79
CA GLU D 227 1.56 0.36 -19.79
C GLU D 227 2.09 -0.12 -18.45
N ILE D 228 1.76 -1.37 -18.05
CA ILE D 228 2.23 -1.98 -16.81
C ILE D 228 3.77 -2.15 -16.86
N ILE D 229 4.31 -2.66 -17.98
CA ILE D 229 5.76 -2.85 -18.11
C ILE D 229 6.55 -1.54 -18.11
N THR D 230 6.09 -0.55 -18.87
CA THR D 230 6.82 0.71 -19.06
C THR D 230 6.46 1.84 -18.08
N GLY D 231 5.24 1.83 -17.55
CA GLY D 231 4.74 2.91 -16.73
C GLY D 231 4.32 4.16 -17.54
N LEU D 232 4.37 4.07 -18.88
CA LEU D 232 4.04 5.15 -19.79
C LEU D 232 2.57 5.09 -20.18
N PRO D 233 1.89 6.24 -20.30
CA PRO D 233 0.49 6.21 -20.75
C PRO D 233 0.37 5.77 -22.21
N ALA D 234 -0.76 5.18 -22.63
CA ALA D 234 -0.91 4.70 -24.01
C ALA D 234 -0.75 5.80 -25.07
N VAL D 235 -1.07 7.04 -24.71
CA VAL D 235 -0.89 8.17 -25.59
C VAL D 235 -0.33 9.34 -24.80
N ASP D 236 0.62 10.06 -25.40
CA ASP D 236 1.25 11.23 -24.83
C ASP D 236 1.61 12.07 -26.03
N GLU D 237 0.95 13.22 -26.20
CA GLU D 237 1.20 14.04 -27.37
C GLU D 237 2.57 14.73 -27.36
N HIS D 238 3.23 14.86 -26.20
CA HIS D 238 4.56 15.46 -26.14
C HIS D 238 5.57 14.34 -25.93
N ARG D 239 5.47 13.30 -26.76
CA ARG D 239 6.36 12.15 -26.62
C ARG D 239 6.67 11.53 -27.97
N GLU D 240 7.83 10.88 -28.07
CA GLU D 240 8.21 10.19 -29.29
C GLU D 240 8.58 8.74 -28.99
N PRO D 241 7.75 7.77 -29.42
CA PRO D 241 6.49 7.92 -30.18
C PRO D 241 5.31 8.33 -29.31
N GLN D 242 4.30 8.99 -29.91
CA GLN D 242 3.12 9.42 -29.15
C GLN D 242 2.28 8.22 -28.73
N LEU D 243 2.18 7.18 -29.61
CA LEU D 243 1.41 6.00 -29.27
C LEU D 243 2.29 4.91 -28.73
N LEU D 244 2.01 4.47 -27.49
CA LEU D 244 2.78 3.45 -26.79
C LEU D 244 2.90 2.15 -27.59
N LEU D 245 1.82 1.71 -28.29
CA LEU D 245 1.91 0.49 -29.09
C LEU D 245 2.94 0.58 -30.24
N ASP D 246 3.42 1.79 -30.56
CA ASP D 246 4.47 1.95 -31.57
C ASP D 246 5.82 1.40 -31.07
N ILE D 247 5.99 1.25 -29.73
CA ILE D 247 7.23 0.70 -29.19
C ILE D 247 7.40 -0.78 -29.56
N LYS D 248 6.29 -1.51 -29.81
CA LYS D 248 6.35 -2.91 -30.25
C LYS D 248 7.15 -3.01 -31.57
N GLU D 249 6.97 -2.02 -32.46
CA GLU D 249 7.68 -1.98 -33.73
C GLU D 249 9.13 -1.54 -33.56
N GLU D 250 9.39 -0.64 -32.61
CA GLU D 250 10.74 -0.20 -32.30
C GLU D 250 11.59 -1.39 -31.83
N ILE D 251 11.00 -2.25 -30.97
CA ILE D 251 11.63 -3.45 -30.42
C ILE D 251 11.82 -4.51 -31.49
N GLU D 252 10.77 -4.75 -32.30
CA GLU D 252 10.83 -5.73 -33.39
C GLU D 252 11.83 -5.34 -34.48
N ASP D 253 11.96 -4.05 -34.78
CA ASP D 253 12.96 -3.59 -35.75
C ASP D 253 14.36 -3.41 -35.11
N GLU D 254 14.56 -3.95 -33.87
CA GLU D 254 15.77 -3.99 -33.04
C GLU D 254 16.43 -2.63 -32.81
N GLU D 255 15.65 -1.54 -32.94
CA GLU D 255 16.12 -0.17 -32.69
C GLU D 255 16.27 0.03 -31.16
N LYS D 256 15.32 -0.51 -30.39
CA LYS D 256 15.28 -0.48 -28.95
C LYS D 256 15.03 -1.93 -28.43
N THR D 257 15.27 -2.16 -27.13
CA THR D 257 14.99 -3.44 -26.47
C THR D 257 13.89 -3.20 -25.40
N ILE D 258 13.29 -4.28 -24.87
CA ILE D 258 12.28 -4.12 -23.81
C ILE D 258 12.93 -3.51 -22.56
N GLU D 259 14.21 -3.85 -22.31
CA GLU D 259 14.97 -3.33 -21.20
C GLU D 259 15.03 -1.80 -21.22
N ASP D 260 15.16 -1.22 -22.41
CA ASP D 260 15.19 0.22 -22.60
C ASP D 260 13.89 0.90 -22.17
N TYR D 261 12.76 0.19 -22.21
CA TYR D 261 11.47 0.78 -21.88
C TYR D 261 10.91 0.41 -20.52
N ILE D 262 11.51 -0.57 -19.80
CA ILE D 262 11.01 -0.96 -18.47
C ILE D 262 10.88 0.24 -17.53
N ASP D 263 9.80 0.28 -16.73
CA ASP D 263 9.57 1.36 -15.77
C ASP D 263 10.71 1.44 -14.77
N LYS D 264 11.42 2.57 -14.75
CA LYS D 264 12.54 2.77 -13.82
C LYS D 264 12.07 2.96 -12.38
N LYS D 265 10.74 3.12 -12.13
CA LYS D 265 10.18 3.27 -10.79
C LYS D 265 9.88 1.92 -10.12
N MET D 266 10.70 0.90 -10.42
CA MET D 266 10.62 -0.44 -9.84
C MET D 266 12.02 -0.90 -9.51
N ASN D 267 12.20 -1.52 -8.36
CA ASN D 267 13.50 -2.11 -8.03
C ASN D 267 13.48 -3.66 -8.09
N ASP D 268 12.29 -4.28 -8.22
CA ASP D 268 12.12 -5.74 -8.22
C ASP D 268 11.74 -6.38 -9.56
N ALA D 269 11.89 -5.66 -10.66
CA ALA D 269 11.56 -6.20 -11.97
C ALA D 269 12.72 -7.03 -12.51
N ASP D 270 12.54 -8.36 -12.64
CA ASP D 270 13.58 -9.20 -13.20
C ASP D 270 13.34 -9.38 -14.70
N SER D 271 14.42 -9.43 -15.47
CA SER D 271 14.38 -9.52 -16.92
C SER D 271 13.54 -10.67 -17.46
N THR D 272 13.63 -11.85 -16.84
CA THR D 272 12.90 -13.03 -17.33
C THR D 272 11.39 -12.83 -17.31
N SER D 273 10.83 -12.39 -16.17
CA SER D 273 9.40 -12.18 -16.05
C SER D 273 8.93 -10.95 -16.84
N VAL D 274 9.77 -9.93 -16.97
CA VAL D 274 9.44 -8.75 -17.75
C VAL D 274 9.31 -9.15 -19.23
N GLU D 275 10.25 -9.96 -19.73
CA GLU D 275 10.23 -10.47 -21.10
C GLU D 275 9.07 -11.44 -21.34
N ALA D 276 8.67 -12.18 -20.31
CA ALA D 276 7.55 -13.09 -20.41
C ALA D 276 6.27 -12.28 -20.58
N MET D 277 6.11 -11.17 -19.81
CA MET D 277 4.94 -10.32 -19.94
C MET D 277 4.94 -9.57 -21.27
N TYR D 278 6.13 -9.14 -21.73
CA TYR D 278 6.23 -8.47 -23.01
C TYR D 278 5.84 -9.43 -24.15
N SER D 279 6.21 -10.72 -24.06
CA SER D 279 5.84 -11.70 -25.07
C SER D 279 4.30 -11.83 -25.17
N VAL D 280 3.60 -11.77 -24.04
CA VAL D 280 2.13 -11.81 -24.02
C VAL D 280 1.58 -10.56 -24.71
N ALA D 281 2.12 -9.38 -24.35
CA ALA D 281 1.70 -8.08 -24.92
C ALA D 281 1.89 -8.09 -26.43
N SER D 282 3.02 -8.63 -26.90
CA SER D 282 3.37 -8.72 -28.30
C SER D 282 2.37 -9.59 -29.05
N GLN D 283 1.96 -10.70 -28.44
CA GLN D 283 0.98 -11.61 -29.05
C GLN D 283 -0.39 -10.97 -29.11
N CYS D 284 -0.77 -10.24 -28.07
CA CYS D 284 -2.06 -9.52 -28.03
C CYS D 284 -2.12 -8.42 -29.07
N LEU D 285 -0.98 -7.80 -29.40
CA LEU D 285 -0.91 -6.70 -30.35
C LEU D 285 -0.65 -7.10 -31.80
N HIS D 286 -0.96 -8.35 -32.16
CA HIS D 286 -0.83 -8.80 -33.53
C HIS D 286 -1.89 -8.07 -34.35
N GLU D 287 -1.52 -7.54 -35.51
CA GLU D 287 -2.41 -6.77 -36.35
C GLU D 287 -3.58 -7.59 -36.93
N LYS D 288 -3.36 -8.88 -37.14
CA LYS D 288 -4.41 -9.77 -37.61
C LYS D 288 -5.18 -10.28 -36.41
N LYS D 289 -6.48 -10.01 -36.34
CA LYS D 289 -7.29 -10.43 -35.20
C LYS D 289 -7.26 -11.94 -34.94
N ASN D 290 -7.17 -12.72 -36.00
CA ASN D 290 -7.16 -14.18 -35.88
C ASN D 290 -5.83 -14.75 -35.37
N LYS D 291 -4.75 -13.97 -35.45
CA LYS D 291 -3.44 -14.42 -34.97
C LYS D 291 -3.27 -14.20 -33.46
N ARG D 292 -4.03 -13.28 -32.86
CA ARG D 292 -4.00 -12.99 -31.43
C ARG D 292 -4.50 -14.18 -30.63
N PRO D 293 -3.97 -14.37 -29.41
CA PRO D 293 -4.47 -15.47 -28.57
C PRO D 293 -5.82 -15.14 -27.92
N ASP D 294 -6.62 -16.18 -27.57
CA ASP D 294 -7.87 -15.95 -26.84
C ASP D 294 -7.55 -15.62 -25.36
N ILE D 295 -8.53 -15.10 -24.61
CA ILE D 295 -8.31 -14.70 -23.21
C ILE D 295 -7.88 -15.86 -22.32
N LYS D 296 -8.35 -17.10 -22.55
CA LYS D 296 -7.91 -18.23 -21.75
C LYS D 296 -6.39 -18.51 -21.94
N LYS D 297 -5.87 -18.26 -23.14
CA LYS D 297 -4.45 -18.43 -23.42
C LYS D 297 -3.65 -17.32 -22.77
N VAL D 298 -4.15 -16.08 -22.81
CA VAL D 298 -3.51 -14.92 -22.17
C VAL D 298 -3.42 -15.17 -20.65
N GLN D 299 -4.50 -15.67 -20.07
CA GLN D 299 -4.64 -16.01 -18.66
C GLN D 299 -3.65 -17.12 -18.29
N GLN D 300 -3.48 -18.10 -19.18
CA GLN D 300 -2.57 -19.23 -19.01
C GLN D 300 -1.11 -18.77 -19.05
N LEU D 301 -0.77 -17.88 -19.98
CA LEU D 301 0.59 -17.36 -20.11
C LEU D 301 0.98 -16.48 -18.92
N LEU D 302 0.04 -15.67 -18.41
CA LEU D 302 0.28 -14.80 -17.27
C LEU D 302 0.48 -15.60 -15.97
N GLN D 303 -0.16 -16.79 -15.85
CA GLN D 303 0.05 -17.62 -14.68
C GLN D 303 1.40 -18.37 -14.78
N GLU D 304 1.82 -18.74 -16.01
CA GLU D 304 3.10 -19.41 -16.25
C GLU D 304 4.27 -18.51 -15.89
N MET D 305 4.12 -17.20 -16.14
CA MET D 305 5.08 -16.13 -15.88
C MET D 305 5.52 -16.07 -14.40
N THR D 306 4.61 -16.43 -13.49
CA THR D 306 4.88 -16.42 -12.07
C THR D 306 5.04 -17.83 -11.51
C1 B6I E . 22.61 7.23 -3.58
C2 B6I E . 21.73 6.58 -1.64
C3 B6I E . 26.50 10.41 -3.14
C7 B6I E . 24.76 8.68 -2.09
C8 B6I E . 27.26 10.91 -0.87
C9 B6I E . 28.15 11.76 -1.37
C10 B6I E . 27.49 11.37 -3.66
C11 B6I E . 24.92 7.65 -6.42
C12 B6I E . 25.28 8.57 -7.54
C13 B6I E . 19.86 4.04 -2.58
C14 B6I E . 18.50 6.14 -2.20
C15 B6I E . 18.61 3.40 -3.16
C16 B6I E . 17.28 5.41 -2.74
C19 B6I E . 23.37 9.71 -6.33
C20 B6I E . 29.22 12.95 -3.14
C21 B6I E . 16.29 3.36 -3.30
N23 B6I E . 25.54 9.34 -1.24
N25 B6I E . 20.98 6.25 -2.74
N26 B6I E . 28.28 11.97 -2.71
N29 B6I E . 25.66 9.91 -5.38
C4 B6I E . 22.81 7.23 -2.18
C5 B6I E . 26.40 10.19 -1.80
C6 B6I E . 25.64 9.70 -3.97
C17 B6I E . 19.74 5.52 -2.80
C18 B6I E . 24.75 9.15 -6.25
N22 B6I E . 21.48 6.62 -3.92
N24 B6I E . 24.79 8.84 -3.41
N27 B6I E . 17.39 3.95 -2.56
N28 B6I E . 23.85 7.77 -1.52
O30 B6I E . 27.60 11.61 -4.85
C1 B6I F . -8.64 -22.82 -0.25
C2 B6I F . -8.57 -21.43 -1.97
C3 B6I F . -12.24 -26.43 -0.72
C7 B6I F . -10.81 -24.42 -1.74
C8 B6I F . -13.49 -26.54 -2.83
C9 B6I F . -14.21 -27.54 -2.35
C10 B6I F . -13.04 -27.55 -0.21
C11 B6I F . -8.62 -25.51 2.04
C12 B6I F . -9.24 -26.22 3.19
C13 B6I F . -5.64 -19.83 -1.56
C14 B6I F . -7.71 -18.56 -0.87
C15 B6I F . -4.82 -18.76 -0.84
C16 B6I F . -6.81 -17.50 -0.23
C19 B6I F . -10.69 -24.18 2.75
C20 B6I F . -14.86 -29.06 -0.61
C21 B6I F . -4.67 -16.58 -0.04
N23 B6I F . -11.76 -24.94 -2.51
N25 B6I F . -7.76 -21.05 -0.94
N26 B6I F . -14.00 -28.02 -1.09
N29 B6I F . -10.98 -26.25 1.34
C4 B6I F . -9.16 -22.60 -1.54
C5 B6I F . -12.46 -25.95 -1.99
C6 B6I F . -11.26 -25.83 0.03
C17 B6I F . -6.96 -19.87 -0.85
C18 B6I F . -10.11 -25.46 2.22
N22 B6I F . -7.78 -21.88 0.13
N24 B6I F . -10.55 -24.84 -0.50
N27 B6I F . -5.49 -17.45 -0.86
N28 B6I F . -10.04 -23.37 -2.24
O30 B6I F . -12.87 -28.00 0.92
C1 B6I G . -4.62 8.15 11.14
C2 B6I G . -4.51 8.12 8.89
C3 B6I G . -1.09 11.04 13.35
C7 B6I G . -2.34 10.11 11.18
C8 B6I G . 0.45 12.28 11.90
C9 B6I G . 1.08 12.77 12.96
C10 B6I G . -0.39 11.61 14.51
C11 B6I G . -5.01 9.01 14.63
C12 B6I G . -4.52 8.77 16.01
C13 B6I G . -6.93 6.89 7.47
C14 B6I G . -5.49 5.06 8.42
C15 B6I G . -7.67 5.79 6.72
C16 B6I G . -6.36 4.05 7.71
C19 B6I G . -3.03 7.37 14.52
C20 B6I G . 1.45 12.91 15.34
C21 B6I G . -7.62 3.66 5.78
N23 B6I G . -1.31 10.93 10.99
N25 B6I G . -5.44 7.26 9.41
N26 B6I G . 0.70 12.42 14.22
N29 B6I G . -2.61 9.81 14.74
C4 B6I G . -3.96 8.71 10.02
C5 B6I G . -0.69 11.39 12.09
C6 B6I G . -2.16 10.20 13.47
C17 B6I G . -6.29 6.33 8.71
C18 B6I G . -3.56 8.72 14.87
N22 B6I G . -5.52 7.25 10.76
N24 B6I G . -2.78 9.74 12.37
N27 B6I G . -6.81 4.64 6.45
N28 B6I G . -2.99 9.64 10.05
O30 B6I G . -0.72 11.34 15.65
C1 B6I H . -10.24 7.03 -7.01
C2 B6I H . -9.76 6.19 -5.02
C3 B6I H . -14.13 4.29 -9.23
C7 B6I H . -12.57 4.93 -7.15
C8 B6I H . -15.23 2.61 -7.84
C9 B6I H . -16.05 2.32 -8.87
C10 B6I H . -15.02 3.93 -10.35
C11 B6I H . -11.81 8.13 -10.26
C12 B6I H . -12.07 7.96 -11.72
C13 B6I H . -7.93 7.73 -3.21
C14 B6I H . -6.52 6.67 -4.95
C15 B6I H . -6.65 8.13 -2.49
C16 B6I H . -5.27 7.08 -4.19
C19 B6I H . -10.66 5.98 -11.06
C20 B6I H . -16.75 2.47 -11.18
C21 B6I H . -4.41 7.74 -2.17
N23 B6I H . -13.46 3.94 -6.96
N25 B6I H . -8.87 7.16 -5.41
N26 B6I H . -15.94 2.93 -10.08
N29 B6I H . -13.09 5.96 -10.57
C4 B6I H . -10.67 6.09 -6.05
C5 B6I H . -14.24 3.64 -8.02
C6 B6I H . -13.19 5.28 -9.34
C17 B6I H . -7.68 7.61 -4.70
C18 B6I H . -11.91 6.76 -10.85
N22 B6I H . -9.13 7.68 -6.63
N24 B6I H . -12.42 5.59 -8.29
N27 B6I H . -5.59 7.16 -2.76
N28 B6I H . -11.75 5.27 -6.07
O30 B6I H . -14.92 4.48 -11.44
#